data_7TMH
# 
_entry.id   7TMH 
# 
_audit_conform.dict_name       mmcif_pdbx.dic 
_audit_conform.dict_version    5.396 
_audit_conform.dict_location   http://mmcif.pdb.org/dictionaries/ascii/mmcif_pdbx.dic 
# 
loop_
_database_2.database_id 
_database_2.database_code 
_database_2.pdbx_database_accession 
_database_2.pdbx_DOI 
PDB   7TMH         pdb_00007tmh 10.2210/pdb7tmh/pdb 
WWPDB D_1000262546 ?            ?                   
# 
loop_
_pdbx_audit_revision_history.ordinal 
_pdbx_audit_revision_history.data_content_type 
_pdbx_audit_revision_history.major_revision 
_pdbx_audit_revision_history.minor_revision 
_pdbx_audit_revision_history.revision_date 
1 'Structure model' 1 0 2022-04-20 
2 'Structure model' 1 1 2022-04-27 
3 'Structure model' 1 2 2023-10-18 
4 'Structure model' 1 3 2023-11-15 
5 'Structure model' 2 0 2024-09-25 
# 
_pdbx_audit_revision_details.ordinal             1 
_pdbx_audit_revision_details.revision_ordinal    1 
_pdbx_audit_revision_details.data_content_type   'Structure model' 
_pdbx_audit_revision_details.provider            repository 
_pdbx_audit_revision_details.type                'Initial release' 
_pdbx_audit_revision_details.description         ? 
_pdbx_audit_revision_details.details             ? 
# 
loop_
_pdbx_audit_revision_group.ordinal 
_pdbx_audit_revision_group.revision_ordinal 
_pdbx_audit_revision_group.data_content_type 
_pdbx_audit_revision_group.group 
1  2 'Structure model' 'Database references'    
2  3 'Structure model' 'Data collection'        
3  3 'Structure model' 'Refinement description' 
4  4 'Structure model' 'Data collection'        
5  5 'Structure model' 'Atomic model'           
6  5 'Structure model' 'Data collection'        
7  5 'Structure model' 'Database references'    
8  5 'Structure model' 'Derived calculations'   
9  5 'Structure model' 'Polymer sequence'       
10 5 'Structure model' 'Source and taxonomy'    
11 5 'Structure model' 'Structure summary'      
# 
loop_
_pdbx_audit_revision_category.ordinal 
_pdbx_audit_revision_category.revision_ordinal 
_pdbx_audit_revision_category.data_content_type 
_pdbx_audit_revision_category.category 
1  2 'Structure model' citation                      
2  3 'Structure model' chem_comp_atom                
3  3 'Structure model' chem_comp_bond                
4  3 'Structure model' pdbx_initial_refinement_model 
5  4 'Structure model' chem_comp_atom                
6  4 'Structure model' chem_comp_bond                
7  5 'Structure model' atom_site                     
8  5 'Structure model' atom_site_anisotrop           
9  5 'Structure model' entity                        
10 5 'Structure model' entity_poly                   
11 5 'Structure model' entity_poly_seq               
12 5 'Structure model' pdbx_entity_nonpoly           
13 5 'Structure model' pdbx_entity_src_syn           
14 5 'Structure model' pdbx_nonpoly_scheme           
15 5 'Structure model' pdbx_poly_seq_scheme          
16 5 'Structure model' pdbx_struct_assembly_gen      
17 5 'Structure model' struct_asym                   
18 5 'Structure model' struct_conf                   
19 5 'Structure model' struct_conn                   
20 5 'Structure model' struct_ref_seq                
# 
loop_
_pdbx_audit_revision_item.ordinal 
_pdbx_audit_revision_item.revision_ordinal 
_pdbx_audit_revision_item.data_content_type 
_pdbx_audit_revision_item.item 
1  2 'Structure model' '_citation.journal_volume'                  
2  2 'Structure model' '_citation.page_first'                      
3  2 'Structure model' '_citation.page_last'                       
4  4 'Structure model' '_chem_comp_atom.atom_id'                   
5  4 'Structure model' '_chem_comp_bond.atom_id_2'                 
6  5 'Structure model' '_atom_site.B_iso_or_equiv'                 
7  5 'Structure model' '_atom_site.Cartn_x'                        
8  5 'Structure model' '_atom_site.Cartn_y'                        
9  5 'Structure model' '_atom_site.Cartn_z'                        
10 5 'Structure model' '_atom_site.auth_atom_id'                   
11 5 'Structure model' '_atom_site.auth_comp_id'                   
12 5 'Structure model' '_atom_site.auth_seq_id'                    
13 5 'Structure model' '_atom_site.group_PDB'                      
14 5 'Structure model' '_atom_site.label_alt_id'                   
15 5 'Structure model' '_atom_site.label_asym_id'                  
16 5 'Structure model' '_atom_site.label_atom_id'                  
17 5 'Structure model' '_atom_site.label_comp_id'                  
18 5 'Structure model' '_atom_site.label_entity_id'                
19 5 'Structure model' '_atom_site.label_seq_id'                   
20 5 'Structure model' '_atom_site.occupancy'                      
21 5 'Structure model' '_atom_site.type_symbol'                    
22 5 'Structure model' '_atom_site_anisotrop.U[1][1]'              
23 5 'Structure model' '_atom_site_anisotrop.U[1][2]'              
24 5 'Structure model' '_atom_site_anisotrop.U[1][3]'              
25 5 'Structure model' '_atom_site_anisotrop.U[2][2]'              
26 5 'Structure model' '_atom_site_anisotrop.U[2][3]'              
27 5 'Structure model' '_atom_site_anisotrop.U[3][3]'              
28 5 'Structure model' '_atom_site_anisotrop.id'                   
29 5 'Structure model' '_atom_site_anisotrop.pdbx_auth_atom_id'    
30 5 'Structure model' '_atom_site_anisotrop.pdbx_auth_comp_id'    
31 5 'Structure model' '_atom_site_anisotrop.pdbx_auth_seq_id'     
32 5 'Structure model' '_atom_site_anisotrop.pdbx_label_alt_id'    
33 5 'Structure model' '_atom_site_anisotrop.pdbx_label_asym_id'   
34 5 'Structure model' '_atom_site_anisotrop.pdbx_label_atom_id'   
35 5 'Structure model' '_atom_site_anisotrop.pdbx_label_comp_id'   
36 5 'Structure model' '_atom_site_anisotrop.pdbx_label_seq_id'    
37 5 'Structure model' '_atom_site_anisotrop.type_symbol'          
38 5 'Structure model' '_entity_poly.pdbx_seq_one_letter_code'     
39 5 'Structure model' '_entity_poly.pdbx_seq_one_letter_code_can' 
40 5 'Structure model' '_pdbx_entity_src_syn.pdbx_end_seq_num'     
41 5 'Structure model' '_pdbx_struct_assembly_gen.asym_id_list'    
42 5 'Structure model' '_struct_conf.beg_label_seq_id'             
43 5 'Structure model' '_struct_conf.end_label_seq_id'             
44 5 'Structure model' '_struct_conn.pdbx_dist_value'              
45 5 'Structure model' '_struct_conn.pdbx_leaving_atom_flag'       
46 5 'Structure model' '_struct_conn.ptnr1_auth_comp_id'           
47 5 'Structure model' '_struct_conn.ptnr1_auth_seq_id'            
48 5 'Structure model' '_struct_conn.ptnr1_label_atom_id'          
49 5 'Structure model' '_struct_conn.ptnr1_label_comp_id'          
50 5 'Structure model' '_struct_conn.ptnr1_label_seq_id'           
51 5 'Structure model' '_struct_conn.ptnr2_auth_comp_id'           
52 5 'Structure model' '_struct_conn.ptnr2_auth_seq_id'            
53 5 'Structure model' '_struct_conn.ptnr2_label_asym_id'          
54 5 'Structure model' '_struct_conn.ptnr2_label_atom_id'          
55 5 'Structure model' '_struct_conn.ptnr2_label_comp_id'          
56 5 'Structure model' '_struct_conn.ptnr2_label_seq_id'           
57 5 'Structure model' '_struct_ref_seq.seq_align_beg'             
58 5 'Structure model' '_struct_ref_seq.seq_align_end'             
# 
_pdbx_database_status.status_code                     REL 
_pdbx_database_status.status_code_sf                  REL 
_pdbx_database_status.status_code_mr                  ? 
_pdbx_database_status.entry_id                        7TMH 
_pdbx_database_status.recvd_initial_deposition_date   2022-01-19 
_pdbx_database_status.SG_entry                        N 
_pdbx_database_status.deposit_site                    RCSB 
_pdbx_database_status.process_site                    RCSB 
_pdbx_database_status.status_code_cs                  ? 
_pdbx_database_status.status_code_nmr_data            ? 
_pdbx_database_status.methods_development_category    ? 
_pdbx_database_status.pdb_format_compatible           Y 
# 
_pdbx_contact_author.id                 2 
_pdbx_contact_author.email              andyn@uic.edu 
_pdbx_contact_author.name_first         Andy 
_pdbx_contact_author.name_last          Nguyen 
_pdbx_contact_author.name_mi            I 
_pdbx_contact_author.role               'principal investigator/group leader' 
_pdbx_contact_author.identifier_ORCID   0000-0003-4137-6453 
# 
_audit_author.name               'Nguyen, A.I.' 
_audit_author.pdbx_ordinal       1 
_audit_author.identifier_ORCID   ? 
# 
_citation.abstract                  ? 
_citation.abstract_id_CAS           ? 
_citation.book_id_ISBN              ? 
_citation.book_publisher            ? 
_citation.book_publisher_city       ? 
_citation.book_title                ? 
_citation.coordinate_linkage        ? 
_citation.country                   US 
_citation.database_id_Medline       ? 
_citation.details                   ? 
_citation.id                        primary 
_citation.journal_abbrev            J.Am.Chem.Soc. 
_citation.journal_id_ASTM           JACSAT 
_citation.journal_id_CSD            ? 
_citation.journal_id_ISSN           1520-5126 
_citation.journal_full              ? 
_citation.journal_issue             ? 
_citation.journal_volume            144 
_citation.language                  ? 
_citation.page_first                7001 
_citation.page_last                 7009 
_citation.title                     
'Assembly of pi-Stacking Helical Peptides into a Porous and Multivariable Proteomimetic Framework.' 
_citation.year                      2022 
_citation.database_id_CSD           ? 
_citation.pdbx_database_id_DOI      10.1021/jacs.2c02146 
_citation.pdbx_database_id_PubMed   35390261 
_citation.pdbx_database_id_patent   ? 
_citation.unpublished_flag          ? 
# 
loop_
_citation_author.citation_id 
_citation_author.name 
_citation_author.ordinal 
_citation_author.identifier_ORCID 
primary 'Heinz-Kunert, S.L.' 1 ?                   
primary 'Pandya, A.'         2 0000-0003-3303-1009 
primary 'Dang, V.T.'         3 ?                   
primary 'Tran, P.N.'         4 ?                   
primary 'Ghosh, S.'          5 ?                   
primary 'McElheny, D.'       6 ?                   
primary 'Santarsiero, B.D.'  7 0000-0002-9032-9699 
primary 'Ren, Z.'            8 0000-0001-7098-3127 
primary 'Nguyen, A.I.'       9 0000-0003-4137-6453 
# 
loop_
_entity.id 
_entity.type 
_entity.src_method 
_entity.pdbx_description 
_entity.formula_weight 
_entity.pdbx_number_of_molecules 
_entity.pdbx_ec 
_entity.pdbx_mutation 
_entity.pdbx_fragment 
_entity.details 
1 polymer     syn 'bipyridyl-conjugated helical peptide' 1624.646 1 ? ? ? ? 
2 non-polymer syn ACETONITRILE                           41.052   2 ? ? ? ? 
3 water       nat water                                  18.015   5 ? ? ? ? 
# 
_entity_poly.entity_id                      1 
_entity_poly.type                           'polypeptide(L)' 
_entity_poly.nstd_linkage                   no 
_entity_poly.nstd_monomer                   yes 
_entity_poly.pdbx_seq_one_letter_code       '(I6W)L(AIB)S(PHI)LMQ(AIB)L(I77)' 
_entity_poly.pdbx_seq_one_letter_code_can   XLASFLMQALX 
_entity_poly.pdbx_strand_id                 A 
_entity_poly.pdbx_target_identifier         ? 
# 
loop_
_pdbx_entity_nonpoly.entity_id 
_pdbx_entity_nonpoly.name 
_pdbx_entity_nonpoly.comp_id 
2 ACETONITRILE CCN 
3 water        HOH 
# 
loop_
_entity_poly_seq.entity_id 
_entity_poly_seq.num 
_entity_poly_seq.mon_id 
_entity_poly_seq.hetero 
1 1  I6W n 
1 2  LEU n 
1 3  AIB n 
1 4  SER n 
1 5  PHI n 
1 6  LEU n 
1 7  MET n 
1 8  GLN n 
1 9  AIB n 
1 10 LEU n 
1 11 I77 n 
# 
_pdbx_entity_src_syn.entity_id              1 
_pdbx_entity_src_syn.pdbx_src_id            1 
_pdbx_entity_src_syn.pdbx_alt_source_flag   sample 
_pdbx_entity_src_syn.pdbx_beg_seq_num       1 
_pdbx_entity_src_syn.pdbx_end_seq_num       11 
_pdbx_entity_src_syn.organism_scientific    'synthetic construct' 
_pdbx_entity_src_syn.organism_common_name   ? 
_pdbx_entity_src_syn.ncbi_taxonomy_id       32630 
_pdbx_entity_src_syn.details                ? 
# 
loop_
_chem_comp.id 
_chem_comp.type 
_chem_comp.mon_nstd_flag 
_chem_comp.name 
_chem_comp.pdbx_synonyms 
_chem_comp.formula 
_chem_comp.formula_weight 
AIB 'L-peptide linking' n 'ALPHA-AMINOISOBUTYRIC ACID'                            ? 'C4 H9 N O2'    103.120 
CCN non-polymer         . ACETONITRILE                                            ? 'C2 H3 N'       41.052  
GLN 'L-peptide linking' y GLUTAMINE                                               ? 'C5 H10 N2 O3'  146.144 
HOH non-polymer         . WATER                                                   ? 'H2 O'          18.015  
I6W non-polymer         . 
;ethyl 5'-formyl[2,2'-bipyridine]-5-carboxylate
;
? 'C14 H12 N2 O3' 256.257 
I77 non-polymer         . "5'-(hydrazinecarbonyl)[2,2'-bipyridine]-5-carboxamide" ? 'C12 H11 N5 O2' 257.248 
LEU 'L-peptide linking' y LEUCINE                                                 ? 'C6 H13 N O2'   131.173 
MET 'L-peptide linking' y METHIONINE                                              ? 'C5 H11 N O2 S' 149.211 
PHI 'L-peptide linking' n IODO-PHENYLALANINE                                      ? 'C9 H10 I N O2' 291.086 
SER 'L-peptide linking' y SERINE                                                  ? 'C3 H7 N O3'    105.093 
# 
loop_
_pdbx_poly_seq_scheme.asym_id 
_pdbx_poly_seq_scheme.entity_id 
_pdbx_poly_seq_scheme.seq_id 
_pdbx_poly_seq_scheme.mon_id 
_pdbx_poly_seq_scheme.ndb_seq_num 
_pdbx_poly_seq_scheme.pdb_seq_num 
_pdbx_poly_seq_scheme.auth_seq_num 
_pdbx_poly_seq_scheme.pdb_mon_id 
_pdbx_poly_seq_scheme.auth_mon_id 
_pdbx_poly_seq_scheme.pdb_strand_id 
_pdbx_poly_seq_scheme.pdb_ins_code 
_pdbx_poly_seq_scheme.hetero 
A 1 1  I6W 1  1  1  I6W BPE A . n 
A 1 2  LEU 2  2  2  LEU LEU A . n 
A 1 3  AIB 3  3  3  AIB AIB A . n 
A 1 4  SER 4  4  4  SER SER A . n 
A 1 5  PHI 5  5  5  PHI PHI A . n 
A 1 6  LEU 6  6  6  LEU LEU A . n 
A 1 7  MET 7  7  7  MET MET A . n 
A 1 8  GLN 8  8  8  GLN GLN A . n 
A 1 9  AIB 9  9  9  AIB AIB A . n 
A 1 10 LEU 10 10 10 LEU LEU A . n 
A 1 11 I77 11 11 11 I77 BPH A . n 
# 
loop_
_pdbx_nonpoly_scheme.asym_id 
_pdbx_nonpoly_scheme.entity_id 
_pdbx_nonpoly_scheme.mon_id 
_pdbx_nonpoly_scheme.ndb_seq_num 
_pdbx_nonpoly_scheme.pdb_seq_num 
_pdbx_nonpoly_scheme.auth_seq_num 
_pdbx_nonpoly_scheme.pdb_mon_id 
_pdbx_nonpoly_scheme.auth_mon_id 
_pdbx_nonpoly_scheme.pdb_strand_id 
_pdbx_nonpoly_scheme.pdb_ins_code 
B 2 CCN 1 201 1 CCN ACN A . 
C 2 CCN 1 202 2 CCN ACN A . 
D 3 HOH 1 301 1 HOH HOH A . 
D 3 HOH 2 302 4 HOH HOH A . 
D 3 HOH 3 303 5 HOH HOH A . 
D 3 HOH 4 304 2 HOH HOH A . 
D 3 HOH 5 305 3 HOH HOH A . 
# 
loop_
_software.citation_id 
_software.classification 
_software.compiler_name 
_software.compiler_version 
_software.contact_author 
_software.contact_author_email 
_software.date 
_software.description 
_software.dependencies 
_software.hardware 
_software.language 
_software.location 
_software.mods 
_software.name 
_software.os 
_software.os_version 
_software.type 
_software.version 
_software.pdbx_ordinal 
? refinement       ? ? ? ? ? ? ? ? ? ? ? PHENIX ? ? ? 1.19.2_4158 1 
? 'data reduction' ? ? ? ? ? ? ? ? ? ? ? XDS    ? ? ? .           2 
? 'data scaling'   ? ? ? ? ? ? ? ? ? ? ? XDS    ? ? ? .           3 
? phasing          ? ? ? ? ? ? ? ? ? ? ? PHASER ? ? ? .           4 
# 
_cell.angle_alpha                  90.000 
_cell.angle_alpha_esd              ? 
_cell.angle_beta                   97.094 
_cell.angle_beta_esd               ? 
_cell.angle_gamma                  90.000 
_cell.angle_gamma_esd              ? 
_cell.entry_id                     7TMH 
_cell.details                      ? 
_cell.formula_units_Z              ? 
_cell.length_a                     13.608 
_cell.length_a_esd                 ? 
_cell.length_b                     13.513 
_cell.length_b_esd                 ? 
_cell.length_c                     27.424 
_cell.length_c_esd                 ? 
_cell.volume                       5004.256 
_cell.volume_esd                   ? 
_cell.Z_PDB                        2 
_cell.reciprocal_angle_alpha       ? 
_cell.reciprocal_angle_beta        ? 
_cell.reciprocal_angle_gamma       ? 
_cell.reciprocal_angle_alpha_esd   ? 
_cell.reciprocal_angle_beta_esd    ? 
_cell.reciprocal_angle_gamma_esd   ? 
_cell.reciprocal_length_a          ? 
_cell.reciprocal_length_b          ? 
_cell.reciprocal_length_c          ? 
_cell.reciprocal_length_a_esd      ? 
_cell.reciprocal_length_b_esd      ? 
_cell.reciprocal_length_c_esd      ? 
_cell.pdbx_unique_axis             ? 
# 
_symmetry.entry_id                         7TMH 
_symmetry.cell_setting                     ? 
_symmetry.Int_Tables_number                4 
_symmetry.space_group_name_Hall            'P 2yb' 
_symmetry.space_group_name_H-M             'P 1 21 1' 
_symmetry.pdbx_full_space_group_name_H-M   ? 
# 
_exptl.absorpt_coefficient_mu     ? 
_exptl.absorpt_correction_T_max   ? 
_exptl.absorpt_correction_T_min   ? 
_exptl.absorpt_correction_type    ? 
_exptl.absorpt_process_details    ? 
_exptl.entry_id                   7TMH 
_exptl.crystals_number            1 
_exptl.details                    ? 
_exptl.method                     'X-RAY DIFFRACTION' 
_exptl.method_details             ? 
# 
_exptl_crystal.colour                      ? 
_exptl_crystal.density_diffrn              ? 
_exptl_crystal.density_Matthews            2.18 
_exptl_crystal.density_method              ? 
_exptl_crystal.density_percent_sol         43.61 
_exptl_crystal.description                 ? 
_exptl_crystal.F_000                       ? 
_exptl_crystal.id                          1 
_exptl_crystal.preparation                 ? 
_exptl_crystal.size_max                    ? 
_exptl_crystal.size_mid                    ? 
_exptl_crystal.size_min                    ? 
_exptl_crystal.size_rad                    ? 
_exptl_crystal.colour_lustre               ? 
_exptl_crystal.colour_modifier             ? 
_exptl_crystal.colour_primary              ? 
_exptl_crystal.density_meas                ? 
_exptl_crystal.density_meas_esd            ? 
_exptl_crystal.density_meas_gt             ? 
_exptl_crystal.density_meas_lt             ? 
_exptl_crystal.density_meas_temp           ? 
_exptl_crystal.density_meas_temp_esd       ? 
_exptl_crystal.density_meas_temp_gt        ? 
_exptl_crystal.density_meas_temp_lt        ? 
_exptl_crystal.pdbx_crystal_image_url      ? 
_exptl_crystal.pdbx_crystal_image_format   ? 
_exptl_crystal.pdbx_mosaicity              ? 
_exptl_crystal.pdbx_mosaicity_esd          ? 
# 
_exptl_crystal_grow.apparatus       ? 
_exptl_crystal_grow.atmosphere      ? 
_exptl_crystal_grow.crystal_id      1 
_exptl_crystal_grow.details         ? 
_exptl_crystal_grow.method          'SLOW COOLING' 
_exptl_crystal_grow.method_ref      ? 
_exptl_crystal_grow.pH              ? 
_exptl_crystal_grow.pressure        ? 
_exptl_crystal_grow.pressure_esd    ? 
_exptl_crystal_grow.seeding         ? 
_exptl_crystal_grow.seeding_ref     ? 
_exptl_crystal_grow.temp            295 
_exptl_crystal_grow.temp_details    ? 
_exptl_crystal_grow.temp_esd        ? 
_exptl_crystal_grow.time            ? 
_exptl_crystal_grow.pdbx_details    'water and acetonitrile' 
_exptl_crystal_grow.pdbx_pH_range   ? 
# 
_diffrn.ambient_environment              ? 
_diffrn.ambient_temp                     100 
_diffrn.ambient_temp_details             ? 
_diffrn.ambient_temp_esd                 ? 
_diffrn.crystal_id                       1 
_diffrn.crystal_support                  ? 
_diffrn.crystal_treatment                ? 
_diffrn.details                          ? 
_diffrn.id                               1 
_diffrn.ambient_pressure                 ? 
_diffrn.ambient_pressure_esd             ? 
_diffrn.ambient_pressure_gt              ? 
_diffrn.ambient_pressure_lt              ? 
_diffrn.ambient_temp_gt                  ? 
_diffrn.ambient_temp_lt                  ? 
_diffrn.pdbx_serial_crystal_experiment   N 
# 
_diffrn_detector.details                      ? 
_diffrn_detector.detector                     PIXEL 
_diffrn_detector.diffrn_id                    1 
_diffrn_detector.type                         'DECTRIS EIGER X 9M' 
_diffrn_detector.area_resol_mean              ? 
_diffrn_detector.dtime                        ? 
_diffrn_detector.pdbx_frames_total            ? 
_diffrn_detector.pdbx_collection_time_total   ? 
_diffrn_detector.pdbx_collection_date         2021-07-01 
_diffrn_detector.pdbx_frequency               ? 
# 
_diffrn_radiation.collimation                      ? 
_diffrn_radiation.diffrn_id                        1 
_diffrn_radiation.filter_edge                      ? 
_diffrn_radiation.inhomogeneity                    ? 
_diffrn_radiation.monochromator                    ? 
_diffrn_radiation.polarisn_norm                    ? 
_diffrn_radiation.polarisn_ratio                   ? 
_diffrn_radiation.probe                            ? 
_diffrn_radiation.type                             ? 
_diffrn_radiation.xray_symbol                      ? 
_diffrn_radiation.wavelength_id                    1 
_diffrn_radiation.pdbx_monochromatic_or_laue_m_l   M 
_diffrn_radiation.pdbx_wavelength_list             ? 
_diffrn_radiation.pdbx_wavelength                  ? 
_diffrn_radiation.pdbx_diffrn_protocol             'SINGLE WAVELENGTH' 
_diffrn_radiation.pdbx_analyzer                    ? 
_diffrn_radiation.pdbx_scattering_type             x-ray 
# 
_diffrn_radiation_wavelength.id           1 
_diffrn_radiation_wavelength.wavelength   0.688 
_diffrn_radiation_wavelength.wt           1.0 
# 
_diffrn_source.current                     ? 
_diffrn_source.details                     ? 
_diffrn_source.diffrn_id                   1 
_diffrn_source.power                       ? 
_diffrn_source.size                        ? 
_diffrn_source.source                      SYNCHROTRON 
_diffrn_source.target                      ? 
_diffrn_source.type                        'APS BEAMLINE 21-ID-D' 
_diffrn_source.voltage                     ? 
_diffrn_source.take-off_angle              ? 
_diffrn_source.pdbx_wavelength_list        0.688 
_diffrn_source.pdbx_wavelength             ? 
_diffrn_source.pdbx_synchrotron_beamline   21-ID-D 
_diffrn_source.pdbx_synchrotron_site       APS 
# 
_reflns.B_iso_Wilson_estimate                          4.95 
_reflns.entry_id                                       7TMH 
_reflns.data_reduction_details                         ? 
_reflns.data_reduction_method                          ? 
_reflns.d_resolution_high                              0.80 
_reflns.d_resolution_low                               13.50 
_reflns.details                                        ? 
_reflns.limit_h_max                                    ? 
_reflns.limit_h_min                                    ? 
_reflns.limit_k_max                                    ? 
_reflns.limit_k_min                                    ? 
_reflns.limit_l_max                                    ? 
_reflns.limit_l_min                                    ? 
_reflns.number_all                                     ? 
_reflns.number_obs                                     19340 
_reflns.observed_criterion                             ? 
_reflns.observed_criterion_F_max                       ? 
_reflns.observed_criterion_F_min                       ? 
_reflns.observed_criterion_I_max                       ? 
_reflns.observed_criterion_I_min                       ? 
_reflns.observed_criterion_sigma_F                     ? 
_reflns.observed_criterion_sigma_I                     ? 
_reflns.percent_possible_obs                           95.43 
_reflns.R_free_details                                 ? 
_reflns.Rmerge_F_all                                   ? 
_reflns.Rmerge_F_obs                                   ? 
_reflns.Friedel_coverage                               ? 
_reflns.number_gt                                      ? 
_reflns.threshold_expression                           ? 
_reflns.pdbx_redundancy                                6.7 
_reflns.pdbx_Rmerge_I_obs                              ? 
_reflns.pdbx_Rmerge_I_all                              ? 
_reflns.pdbx_Rsym_value                                ? 
_reflns.pdbx_netI_over_av_sigmaI                       ? 
_reflns.pdbx_netI_over_sigmaI                          26.34 
_reflns.pdbx_res_netI_over_av_sigmaI_2                 ? 
_reflns.pdbx_res_netI_over_sigmaI_2                    ? 
_reflns.pdbx_chi_squared                               ? 
_reflns.pdbx_scaling_rejects                           ? 
_reflns.pdbx_d_res_high_opt                            ? 
_reflns.pdbx_d_res_low_opt                             ? 
_reflns.pdbx_d_res_opt_method                          ? 
_reflns.phase_calculation_details                      ? 
_reflns.pdbx_Rrim_I_all                                0.05818 
_reflns.pdbx_Rpim_I_all                                ? 
_reflns.pdbx_d_opt                                     ? 
_reflns.pdbx_number_measured_all                       ? 
_reflns.pdbx_diffrn_id                                 1 
_reflns.pdbx_ordinal                                   1 
_reflns.pdbx_CC_half                                   ? 
_reflns.pdbx_CC_star                                   ? 
_reflns.pdbx_R_split                                   ? 
_reflns.pdbx_aniso_diffraction_limit_axis_1_ortho[1]   ? 
_reflns.pdbx_aniso_diffraction_limit_axis_1_ortho[2]   ? 
_reflns.pdbx_aniso_diffraction_limit_axis_1_ortho[3]   ? 
_reflns.pdbx_aniso_diffraction_limit_axis_2_ortho[1]   ? 
_reflns.pdbx_aniso_diffraction_limit_axis_2_ortho[2]   ? 
_reflns.pdbx_aniso_diffraction_limit_axis_2_ortho[3]   ? 
_reflns.pdbx_aniso_diffraction_limit_axis_3_ortho[1]   ? 
_reflns.pdbx_aniso_diffraction_limit_axis_3_ortho[2]   ? 
_reflns.pdbx_aniso_diffraction_limit_axis_3_ortho[3]   ? 
_reflns.pdbx_aniso_diffraction_limit_1                 ? 
_reflns.pdbx_aniso_diffraction_limit_2                 ? 
_reflns.pdbx_aniso_diffraction_limit_3                 ? 
_reflns.pdbx_aniso_B_tensor_eigenvector_1_ortho[1]     ? 
_reflns.pdbx_aniso_B_tensor_eigenvector_1_ortho[2]     ? 
_reflns.pdbx_aniso_B_tensor_eigenvector_1_ortho[3]     ? 
_reflns.pdbx_aniso_B_tensor_eigenvector_2_ortho[1]     ? 
_reflns.pdbx_aniso_B_tensor_eigenvector_2_ortho[2]     ? 
_reflns.pdbx_aniso_B_tensor_eigenvector_2_ortho[3]     ? 
_reflns.pdbx_aniso_B_tensor_eigenvector_3_ortho[1]     ? 
_reflns.pdbx_aniso_B_tensor_eigenvector_3_ortho[2]     ? 
_reflns.pdbx_aniso_B_tensor_eigenvector_3_ortho[3]     ? 
_reflns.pdbx_aniso_B_tensor_eigenvalue_1               ? 
_reflns.pdbx_aniso_B_tensor_eigenvalue_2               ? 
_reflns.pdbx_aniso_B_tensor_eigenvalue_3               ? 
_reflns.pdbx_orthogonalization_convention              ? 
_reflns.pdbx_percent_possible_ellipsoidal              ? 
_reflns.pdbx_percent_possible_spherical                ? 
_reflns.pdbx_percent_possible_ellipsoidal_anomalous    ? 
_reflns.pdbx_percent_possible_spherical_anomalous      ? 
_reflns.pdbx_redundancy_anomalous                      ? 
_reflns.pdbx_CC_half_anomalous                         ? 
_reflns.pdbx_absDiff_over_sigma_anomalous              ? 
_reflns.pdbx_percent_possible_anomalous                ? 
_reflns.pdbx_observed_signal_threshold                 ? 
_reflns.pdbx_signal_type                               ? 
_reflns.pdbx_signal_details                            ? 
_reflns.pdbx_signal_software_id                        ? 
# 
_reflns_shell.d_res_high                                    0.83 
_reflns_shell.d_res_low                                     0.8597 
_reflns_shell.meanI_over_sigI_all                           ? 
_reflns_shell.meanI_over_sigI_obs                           ? 
_reflns_shell.number_measured_all                           ? 
_reflns_shell.number_measured_obs                           ? 
_reflns_shell.number_possible                               ? 
_reflns_shell.number_unique_all                             ? 
_reflns_shell.number_unique_obs                             1826 
_reflns_shell.percent_possible_all                          ? 
_reflns_shell.percent_possible_obs                          ? 
_reflns_shell.Rmerge_F_all                                  ? 
_reflns_shell.Rmerge_F_obs                                  ? 
_reflns_shell.Rmerge_I_all                                  ? 
_reflns_shell.Rmerge_I_obs                                  ? 
_reflns_shell.meanI_over_sigI_gt                            ? 
_reflns_shell.meanI_over_uI_all                             ? 
_reflns_shell.meanI_over_uI_gt                              ? 
_reflns_shell.number_measured_gt                            ? 
_reflns_shell.number_unique_gt                              ? 
_reflns_shell.percent_possible_gt                           ? 
_reflns_shell.Rmerge_F_gt                                   ? 
_reflns_shell.Rmerge_I_gt                                   ? 
_reflns_shell.pdbx_redundancy                               ? 
_reflns_shell.pdbx_Rsym_value                               ? 
_reflns_shell.pdbx_chi_squared                              ? 
_reflns_shell.pdbx_netI_over_sigmaI_all                     ? 
_reflns_shell.pdbx_netI_over_sigmaI_obs                     ? 
_reflns_shell.pdbx_Rrim_I_all                               0.1462 
_reflns_shell.pdbx_Rpim_I_all                               ? 
_reflns_shell.pdbx_rejects                                  ? 
_reflns_shell.pdbx_ordinal                                  1 
_reflns_shell.pdbx_diffrn_id                                1 
_reflns_shell.pdbx_CC_half                                  ? 
_reflns_shell.pdbx_CC_star                                  ? 
_reflns_shell.pdbx_R_split                                  ? 
_reflns_shell.pdbx_percent_possible_ellipsoidal             ? 
_reflns_shell.pdbx_percent_possible_spherical               ? 
_reflns_shell.pdbx_percent_possible_ellipsoidal_anomalous   ? 
_reflns_shell.pdbx_percent_possible_spherical_anomalous     ? 
_reflns_shell.pdbx_redundancy_anomalous                     ? 
_reflns_shell.pdbx_CC_half_anomalous                        ? 
_reflns_shell.pdbx_absDiff_over_sigma_anomalous             ? 
_reflns_shell.pdbx_percent_possible_anomalous               ? 
# 
_refine.aniso_B[1][1]                            ? 
_refine.aniso_B[1][2]                            ? 
_refine.aniso_B[1][3]                            ? 
_refine.aniso_B[2][2]                            ? 
_refine.aniso_B[2][3]                            ? 
_refine.aniso_B[3][3]                            ? 
_refine.B_iso_max                                ? 
_refine.B_iso_mean                               6.85 
_refine.B_iso_min                                ? 
_refine.correlation_coeff_Fo_to_Fc               ? 
_refine.correlation_coeff_Fo_to_Fc_free          ? 
_refine.details                                  ? 
_refine.diff_density_max                         ? 
_refine.diff_density_max_esd                     ? 
_refine.diff_density_min                         ? 
_refine.diff_density_min_esd                     ? 
_refine.diff_density_rms                         ? 
_refine.diff_density_rms_esd                     ? 
_refine.entry_id                                 7TMH 
_refine.pdbx_refine_id                           'X-RAY DIFFRACTION' 
_refine.ls_abs_structure_details                 ? 
_refine.ls_abs_structure_Flack                   ? 
_refine.ls_abs_structure_Flack_esd               ? 
_refine.ls_abs_structure_Rogers                  ? 
_refine.ls_abs_structure_Rogers_esd              ? 
_refine.ls_d_res_high                            0.80 
_refine.ls_d_res_low                             13.50 
_refine.ls_extinction_coef                       ? 
_refine.ls_extinction_coef_esd                   ? 
_refine.ls_extinction_expression                 ? 
_refine.ls_extinction_method                     ? 
_refine.ls_goodness_of_fit_all                   ? 
_refine.ls_goodness_of_fit_all_esd               ? 
_refine.ls_goodness_of_fit_obs                   ? 
_refine.ls_goodness_of_fit_obs_esd               ? 
_refine.ls_hydrogen_treatment                    ? 
_refine.ls_matrix_type                           ? 
_refine.ls_number_constraints                    ? 
_refine.ls_number_parameters                     ? 
_refine.ls_number_reflns_all                     ? 
_refine.ls_number_reflns_obs                     19340 
_refine.ls_number_reflns_R_free                  1946 
_refine.ls_number_reflns_R_work                  17394 
_refine.ls_number_restraints                     ? 
_refine.ls_percent_reflns_obs                    94.72 
_refine.ls_percent_reflns_R_free                 10.06 
_refine.ls_R_factor_all                          ? 
_refine.ls_R_factor_obs                          0.1165 
_refine.ls_R_factor_R_free                       0.1272 
_refine.ls_R_factor_R_free_error                 ? 
_refine.ls_R_factor_R_free_error_details         ? 
_refine.ls_R_factor_R_work                       0.1153 
_refine.ls_R_Fsqd_factor_obs                     ? 
_refine.ls_R_I_factor_obs                        ? 
_refine.ls_redundancy_reflns_all                 ? 
_refine.ls_redundancy_reflns_obs                 ? 
_refine.ls_restrained_S_all                      ? 
_refine.ls_restrained_S_obs                      ? 
_refine.ls_shift_over_esd_max                    ? 
_refine.ls_shift_over_esd_mean                   ? 
_refine.ls_structure_factor_coef                 ? 
_refine.ls_weighting_details                     ? 
_refine.ls_weighting_scheme                      ? 
_refine.ls_wR_factor_all                         ? 
_refine.ls_wR_factor_obs                         ? 
_refine.ls_wR_factor_R_free                      ? 
_refine.ls_wR_factor_R_work                      ? 
_refine.occupancy_max                            ? 
_refine.occupancy_min                            ? 
_refine.solvent_model_details                    'FLAT BULK SOLVENT MODEL' 
_refine.solvent_model_param_bsol                 ? 
_refine.solvent_model_param_ksol                 ? 
_refine.pdbx_R_complete                          ? 
_refine.ls_R_factor_gt                           ? 
_refine.ls_goodness_of_fit_gt                    ? 
_refine.ls_goodness_of_fit_ref                   ? 
_refine.ls_shift_over_su_max                     ? 
_refine.ls_shift_over_su_max_lt                  ? 
_refine.ls_shift_over_su_mean                    ? 
_refine.ls_shift_over_su_mean_lt                 ? 
_refine.pdbx_ls_sigma_I                          ? 
_refine.pdbx_ls_sigma_F                          1.40 
_refine.pdbx_ls_sigma_Fsqd                       ? 
_refine.pdbx_data_cutoff_high_absF               ? 
_refine.pdbx_data_cutoff_high_rms_absF           ? 
_refine.pdbx_data_cutoff_low_absF                ? 
_refine.pdbx_isotropic_thermal_model             ? 
_refine.pdbx_ls_cross_valid_method               'FREE R-VALUE' 
_refine.pdbx_method_to_determine_struct          'MOLECULAR REPLACEMENT' 
_refine.pdbx_starting_model                      7TLS 
_refine.pdbx_stereochemistry_target_values       'GeoStd + Monomer Library + CDL v1.2' 
_refine.pdbx_R_Free_selection_details            ? 
_refine.pdbx_stereochem_target_val_spec_case     ? 
_refine.pdbx_overall_ESU_R                       ? 
_refine.pdbx_overall_ESU_R_Free                  ? 
_refine.pdbx_solvent_vdw_probe_radii             1.1100 
_refine.pdbx_solvent_ion_probe_radii             ? 
_refine.pdbx_solvent_shrinkage_radii             0.9000 
_refine.pdbx_real_space_R                        ? 
_refine.pdbx_density_correlation                 ? 
_refine.pdbx_pd_number_of_powder_patterns        ? 
_refine.pdbx_pd_number_of_points                 ? 
_refine.pdbx_pd_meas_number_of_points            ? 
_refine.pdbx_pd_proc_ls_prof_R_factor            ? 
_refine.pdbx_pd_proc_ls_prof_wR_factor           ? 
_refine.pdbx_pd_Marquardt_correlation_coeff      ? 
_refine.pdbx_pd_Fsqrd_R_factor                   ? 
_refine.pdbx_pd_ls_matrix_band_width             ? 
_refine.pdbx_overall_phase_error                 13.0185 
_refine.pdbx_overall_SU_R_free_Cruickshank_DPI   ? 
_refine.pdbx_overall_SU_R_free_Blow_DPI          ? 
_refine.pdbx_overall_SU_R_Blow_DPI               ? 
_refine.pdbx_TLS_residual_ADP_flag               ? 
_refine.pdbx_diffrn_id                           1 
_refine.overall_SU_B                             ? 
_refine.overall_SU_ML                            0.0456 
_refine.overall_SU_R_Cruickshank_DPI             ? 
_refine.overall_SU_R_free                        ? 
_refine.overall_FOM_free_R_set                   ? 
_refine.overall_FOM_work_R_set                   ? 
_refine.pdbx_average_fsc_overall                 ? 
_refine.pdbx_average_fsc_work                    ? 
_refine.pdbx_average_fsc_free                    ? 
# 
_refine_hist.pdbx_refine_id                   'X-RAY DIFFRACTION' 
_refine_hist.cycle_id                         LAST 
_refine_hist.details                          ? 
_refine_hist.d_res_high                       0.80 
_refine_hist.d_res_low                        13.50 
_refine_hist.number_atoms_solvent             5 
_refine_hist.number_atoms_total               120 
_refine_hist.number_reflns_all                ? 
_refine_hist.number_reflns_obs                ? 
_refine_hist.number_reflns_R_free             ? 
_refine_hist.number_reflns_R_work             ? 
_refine_hist.R_factor_all                     ? 
_refine_hist.R_factor_obs                     ? 
_refine_hist.R_factor_R_free                  ? 
_refine_hist.R_factor_R_work                  ? 
_refine_hist.pdbx_number_residues_total       ? 
_refine_hist.pdbx_B_iso_mean_ligand           ? 
_refine_hist.pdbx_B_iso_mean_solvent          ? 
_refine_hist.pdbx_number_atoms_protein        90 
_refine_hist.pdbx_number_atoms_nucleic_acid   0 
_refine_hist.pdbx_number_atoms_ligand         25 
_refine_hist.pdbx_number_atoms_lipid          ? 
_refine_hist.pdbx_number_atoms_carb           ? 
_refine_hist.pdbx_pseudo_atom_details         ? 
# 
loop_
_refine_ls_restr.pdbx_refine_id 
_refine_ls_restr.criterion 
_refine_ls_restr.dev_ideal 
_refine_ls_restr.dev_ideal_target 
_refine_ls_restr.number 
_refine_ls_restr.rejects 
_refine_ls_restr.type 
_refine_ls_restr.weight 
_refine_ls_restr.pdbx_restraint_function 
'X-RAY DIFFRACTION' ? 0.0119  ? 152 ? f_bond_d           ? ? 
'X-RAY DIFFRACTION' ? 1.8997  ? 208 ? f_angle_d          ? ? 
'X-RAY DIFFRACTION' ? 0.0596  ? 14  ? f_chiral_restr     ? ? 
'X-RAY DIFFRACTION' ? 0.0073  ? 24  ? f_plane_restr      ? ? 
'X-RAY DIFFRACTION' ? 31.4340 ? 26  ? f_dihedral_angle_d ? ? 
# 
loop_
_refine_ls_shell.pdbx_refine_id 
_refine_ls_shell.d_res_high 
_refine_ls_shell.d_res_low 
_refine_ls_shell.number_reflns_all 
_refine_ls_shell.number_reflns_obs 
_refine_ls_shell.number_reflns_R_free 
_refine_ls_shell.number_reflns_R_work 
_refine_ls_shell.percent_reflns_obs 
_refine_ls_shell.percent_reflns_R_free 
_refine_ls_shell.R_factor_all 
_refine_ls_shell.R_factor_obs 
_refine_ls_shell.R_factor_R_free 
_refine_ls_shell.R_factor_R_free_error 
_refine_ls_shell.R_factor_R_work 
_refine_ls_shell.redundancy_reflns_all 
_refine_ls_shell.redundancy_reflns_obs 
_refine_ls_shell.wR_factor_all 
_refine_ls_shell.wR_factor_obs 
_refine_ls_shell.wR_factor_R_free 
_refine_ls_shell.wR_factor_R_work 
_refine_ls_shell.pdbx_R_complete 
_refine_ls_shell.pdbx_total_number_of_bins_used 
_refine_ls_shell.pdbx_phase_error 
_refine_ls_shell.pdbx_fsc_work 
_refine_ls_shell.pdbx_fsc_free 
'X-RAY DIFFRACTION' 0.80 0.82  . . 126 1112 87.93 . . . 0.1752 . 0.1593 . . . . . . . . . . . 
'X-RAY DIFFRACTION' 0.82 0.84  . . 140 1230 91.76 . . . 0.1452 . 0.1492 . . . . . . . . . . . 
'X-RAY DIFFRACTION' 0.84 0.87  . . 139 1235 96.56 . . . 0.1568 . 0.1449 . . . . . . . . . . . 
'X-RAY DIFFRACTION' 0.87 0.89  . . 137 1226 92.09 . . . 0.1691 . 0.1292 . . . . . . . . . . . 
'X-RAY DIFFRACTION' 0.89 0.93  . . 138 1257 97.01 . . . 0.1439 . 0.1216 . . . . . . . . . . . 
'X-RAY DIFFRACTION' 0.93 0.96  . . 144 1249 92.74 . . . 0.1318 . 0.1089 . . . . . . . . . . . 
'X-RAY DIFFRACTION' 0.96 1.01  . . 135 1247 96.44 . . . 0.1112 . 0.1083 . . . . . . . . . . . 
'X-RAY DIFFRACTION' 1.01 1.06  . . 132 1189 90.98 . . . 0.1028 . 0.0986 . . . . . . . . . . . 
'X-RAY DIFFRACTION' 1.06 1.13  . . 148 1310 96.24 . . . 0.0952 . 0.0969 . . . . . . . . . . . 
'X-RAY DIFFRACTION' 1.13 1.21  . . 138 1262 98.31 . . . 0.0876 . 0.0924 . . . . . . . . . . . 
'X-RAY DIFFRACTION' 1.21 1.34  . . 144 1297 97.56 . . . 0.1140 . 0.0994 . . . . . . . . . . . 
'X-RAY DIFFRACTION' 1.34 1.53  . . 145 1269 96.13 . . . 0.1304 . 0.1037 . . . . . . . . . . . 
'X-RAY DIFFRACTION' 1.53 1.93  . . 137 1238 93.66 . . . 0.1232 . 0.1156 . . . . . . . . . . . 
'X-RAY DIFFRACTION' 1.93 13.50 . . 143 1273 98.81 . . . 0.1460 . 0.1309 . . . . . . . . . . . 
# 
_struct.entry_id                     7TMH 
_struct.title                        'Porous framework formed by assembly of a bipyridyl-conjugated helical peptide' 
_struct.pdbx_model_details           ? 
_struct.pdbx_formula_weight          ? 
_struct.pdbx_formula_weight_method   ? 
_struct.pdbx_model_type_details      ? 
_struct.pdbx_CASP_flag               N 
# 
_struct_keywords.entry_id        7TMH 
_struct_keywords.text            'porous, framework, helix, 310, alpha, assembly, bipyridine, UIC-1, DE NOVO PROTEIN' 
_struct_keywords.pdbx_keywords   'DE NOVO PROTEIN' 
# 
loop_
_struct_asym.id 
_struct_asym.pdbx_blank_PDB_chainid_flag 
_struct_asym.pdbx_modified 
_struct_asym.entity_id 
_struct_asym.details 
A N N 1 ? 
B N N 2 ? 
C N N 2 ? 
D N N 3 ? 
# 
_struct_ref.id                         1 
_struct_ref.db_name                    PDB 
_struct_ref.db_code                    7TMH 
_struct_ref.pdbx_db_accession          7TMH 
_struct_ref.pdbx_db_isoform            ? 
_struct_ref.entity_id                  1 
_struct_ref.pdbx_seq_one_letter_code   ? 
_struct_ref.pdbx_align_begin           1 
# 
_struct_ref_seq.align_id                      1 
_struct_ref_seq.ref_id                        1 
_struct_ref_seq.pdbx_PDB_id_code              7TMH 
_struct_ref_seq.pdbx_strand_id                A 
_struct_ref_seq.seq_align_beg                 2 
_struct_ref_seq.pdbx_seq_align_beg_ins_code   ? 
_struct_ref_seq.seq_align_end                 10 
_struct_ref_seq.pdbx_seq_align_end_ins_code   ? 
_struct_ref_seq.pdbx_db_accession             7TMH 
_struct_ref_seq.db_align_beg                  2 
_struct_ref_seq.pdbx_db_align_beg_ins_code    ? 
_struct_ref_seq.db_align_end                  10 
_struct_ref_seq.pdbx_db_align_end_ins_code    ? 
_struct_ref_seq.pdbx_auth_seq_align_beg       2 
_struct_ref_seq.pdbx_auth_seq_align_end       10 
# 
_pdbx_struct_assembly.id                   1 
_pdbx_struct_assembly.details              software_defined_assembly 
_pdbx_struct_assembly.method_details       PISA 
_pdbx_struct_assembly.oligomeric_details   monomeric 
_pdbx_struct_assembly.oligomeric_count     1 
# 
_pdbx_struct_assembly_gen.assembly_id       1 
_pdbx_struct_assembly_gen.oper_expression   1 
_pdbx_struct_assembly_gen.asym_id_list      A,B,C,D 
# 
_pdbx_struct_assembly_auth_evidence.id                     1 
_pdbx_struct_assembly_auth_evidence.assembly_id            1 
_pdbx_struct_assembly_auth_evidence.experimental_support   none 
_pdbx_struct_assembly_auth_evidence.details                ? 
# 
_pdbx_struct_oper_list.id                   1 
_pdbx_struct_oper_list.type                 'identity operation' 
_pdbx_struct_oper_list.name                 1_555 
_pdbx_struct_oper_list.symmetry_operation   x,y,z 
_pdbx_struct_oper_list.matrix[1][1]         1.0000000000 
_pdbx_struct_oper_list.matrix[1][2]         0.0000000000 
_pdbx_struct_oper_list.matrix[1][3]         0.0000000000 
_pdbx_struct_oper_list.vector[1]            0.0000000000 
_pdbx_struct_oper_list.matrix[2][1]         0.0000000000 
_pdbx_struct_oper_list.matrix[2][2]         1.0000000000 
_pdbx_struct_oper_list.matrix[2][3]         0.0000000000 
_pdbx_struct_oper_list.vector[2]            0.0000000000 
_pdbx_struct_oper_list.matrix[3][1]         0.0000000000 
_pdbx_struct_oper_list.matrix[3][2]         0.0000000000 
_pdbx_struct_oper_list.matrix[3][3]         1.0000000000 
_pdbx_struct_oper_list.vector[3]            0.0000000000 
# 
_struct_conf.conf_type_id            HELX_P 
_struct_conf.id                      HELX_P1 
_struct_conf.pdbx_PDB_helix_id       AA1 
_struct_conf.beg_label_comp_id       LEU 
_struct_conf.beg_label_asym_id       A 
_struct_conf.beg_label_seq_id        2 
_struct_conf.pdbx_beg_PDB_ins_code   ? 
_struct_conf.end_label_comp_id       GLN 
_struct_conf.end_label_asym_id       A 
_struct_conf.end_label_seq_id        8 
_struct_conf.pdbx_end_PDB_ins_code   ? 
_struct_conf.beg_auth_comp_id        LEU 
_struct_conf.beg_auth_asym_id        A 
_struct_conf.beg_auth_seq_id         2 
_struct_conf.end_auth_comp_id        GLN 
_struct_conf.end_auth_asym_id        A 
_struct_conf.end_auth_seq_id         8 
_struct_conf.pdbx_PDB_helix_class    1 
_struct_conf.details                 ? 
_struct_conf.pdbx_PDB_helix_length   7 
# 
_struct_conf_type.id          HELX_P 
_struct_conf_type.criteria    ? 
_struct_conf_type.reference   ? 
# 
loop_
_struct_conn.id 
_struct_conn.conn_type_id 
_struct_conn.pdbx_leaving_atom_flag 
_struct_conn.pdbx_PDB_id 
_struct_conn.ptnr1_label_asym_id 
_struct_conn.ptnr1_label_comp_id 
_struct_conn.ptnr1_label_seq_id 
_struct_conn.ptnr1_label_atom_id 
_struct_conn.pdbx_ptnr1_label_alt_id 
_struct_conn.pdbx_ptnr1_PDB_ins_code 
_struct_conn.pdbx_ptnr1_standard_comp_id 
_struct_conn.ptnr1_symmetry 
_struct_conn.ptnr2_label_asym_id 
_struct_conn.ptnr2_label_comp_id 
_struct_conn.ptnr2_label_seq_id 
_struct_conn.ptnr2_label_atom_id 
_struct_conn.pdbx_ptnr2_label_alt_id 
_struct_conn.pdbx_ptnr2_PDB_ins_code 
_struct_conn.ptnr1_auth_asym_id 
_struct_conn.ptnr1_auth_comp_id 
_struct_conn.ptnr1_auth_seq_id 
_struct_conn.ptnr2_auth_asym_id 
_struct_conn.ptnr2_auth_comp_id 
_struct_conn.ptnr2_auth_seq_id 
_struct_conn.ptnr2_symmetry 
_struct_conn.pdbx_ptnr3_label_atom_id 
_struct_conn.pdbx_ptnr3_label_seq_id 
_struct_conn.pdbx_ptnr3_label_comp_id 
_struct_conn.pdbx_ptnr3_label_asym_id 
_struct_conn.pdbx_ptnr3_label_alt_id 
_struct_conn.pdbx_ptnr3_PDB_ins_code 
_struct_conn.details 
_struct_conn.pdbx_dist_value 
_struct_conn.pdbx_value_order 
_struct_conn.pdbx_role 
covale1  covale one  ? A I6W 1  C02 ? ? ? 1_555 A LEU 2  N   ? ? A I6W 1  A LEU 2  1_555 ? ? ? ? ? ? ? 1.421 ? ? 
covale2  covale both ? A LEU 2  C   ? ? ? 1_555 A AIB 3  N   ? ? A LEU 2  A AIB 3  1_555 ? ? ? ? ? ? ? 1.336 ? ? 
covale3  covale both ? A AIB 3  C   ? ? ? 1_555 A SER 4  N   ? ? A AIB 3  A SER 4  1_555 ? ? ? ? ? ? ? 1.331 ? ? 
covale4  covale both ? A SER 4  C   ? ? ? 1_555 A PHI 5  N   A ? A SER 4  A PHI 5  1_555 ? ? ? ? ? ? ? 1.326 ? ? 
covale5  covale both ? A SER 4  C   ? ? ? 1_555 A PHI 5  N   B ? A SER 4  A PHI 5  1_555 ? ? ? ? ? ? ? 1.329 ? ? 
covale6  covale both ? A PHI 5  C   A ? ? 1_555 A LEU 6  N   ? ? A PHI 5  A LEU 6  1_555 ? ? ? ? ? ? ? 1.338 ? ? 
covale7  covale both ? A PHI 5  C   B ? ? 1_555 A LEU 6  N   ? ? A PHI 5  A LEU 6  1_555 ? ? ? ? ? ? ? 1.341 ? ? 
covale8  covale both ? A GLN 8  C   ? ? ? 1_555 A AIB 9  N   A ? A GLN 8  A AIB 9  1_555 ? ? ? ? ? ? ? 1.328 ? ? 
covale9  covale both ? A GLN 8  C   ? ? ? 1_555 A AIB 9  N   B ? A GLN 8  A AIB 9  1_555 ? ? ? ? ? ? ? 1.329 ? ? 
covale10 covale both ? A AIB 9  C   A ? ? 1_555 A LEU 10 N   A ? A AIB 9  A LEU 10 1_555 ? ? ? ? ? ? ? 1.337 ? ? 
covale11 covale both ? A AIB 9  C   B ? ? 1_555 A LEU 10 N   B ? A AIB 9  A LEU 10 1_555 ? ? ? ? ? ? ? 1.331 ? ? 
covale12 covale one  ? A LEU 10 C   A ? ? 1_555 A I77 11 N15 ? ? A LEU 10 A I77 11 1_555 ? ? ? ? ? ? ? 1.409 ? ? 
covale13 covale one  ? A LEU 10 C   B ? ? 1_555 A I77 11 N15 ? ? A LEU 10 A I77 11 1_555 ? ? ? ? ? ? ? 1.428 ? ? 
# 
_struct_conn_type.id          covale 
_struct_conn_type.criteria    ? 
_struct_conn_type.reference   ? 
# 
_pdbx_entry_details.entry_id                   7TMH 
_pdbx_entry_details.has_ligand_of_interest     N 
_pdbx_entry_details.compound_details           ? 
_pdbx_entry_details.source_details             ? 
_pdbx_entry_details.nonpolymer_details         ? 
_pdbx_entry_details.sequence_details           ? 
_pdbx_entry_details.has_protein_modification   ? 
# 
loop_
_space_group_symop.id 
_space_group_symop.operation_xyz 
1 x,y,z       
2 -x,y+1/2,-z 
# 
loop_
_chem_comp_atom.comp_id 
_chem_comp_atom.atom_id 
_chem_comp_atom.type_symbol 
_chem_comp_atom.pdbx_aromatic_flag 
_chem_comp_atom.pdbx_stereo_config 
_chem_comp_atom.pdbx_ordinal 
AIB N    N N N 1   
AIB CA   C N N 2   
AIB C    C N N 3   
AIB O    O N N 4   
AIB OXT  O N N 5   
AIB CB1  C N N 6   
AIB CB2  C N N 7   
AIB H    H N N 8   
AIB H2   H N N 9   
AIB HXT  H N N 10  
AIB HB11 H N N 11  
AIB HB12 H N N 12  
AIB HB13 H N N 13  
AIB HB21 H N N 14  
AIB HB22 H N N 15  
AIB HB23 H N N 16  
CCN N    N N N 17  
CCN C1   C N N 18  
CCN C2   C N N 19  
CCN H21  H N N 20  
CCN H22  H N N 21  
CCN H23  H N N 22  
GLN N    N N N 23  
GLN CA   C N S 24  
GLN C    C N N 25  
GLN O    O N N 26  
GLN CB   C N N 27  
GLN CG   C N N 28  
GLN CD   C N N 29  
GLN OE1  O N N 30  
GLN NE2  N N N 31  
GLN OXT  O N N 32  
GLN H    H N N 33  
GLN H2   H N N 34  
GLN HA   H N N 35  
GLN HB2  H N N 36  
GLN HB3  H N N 37  
GLN HG2  H N N 38  
GLN HG3  H N N 39  
GLN HE21 H N N 40  
GLN HE22 H N N 41  
GLN HXT  H N N 42  
HOH O    O N N 43  
HOH H1   H N N 44  
HOH H2   H N N 45  
I6W C05  C Y N 46  
I6W C08  C Y N 47  
I6W C09  C Y N 48  
I6W N10  N Y N 49  
I6W C02  C N N 50  
I6W C03  C Y N 51  
I6W C04  C Y N 52  
I6W C06  C Y N 53  
I6W C11  C Y N 54  
I6W C12  C Y N 55  
I6W C13  C N N 56  
I6W C15  C N N 57  
I6W C16  C N N 58  
I6W C18  C Y N 59  
I6W C19  C Y N 60  
I6W N07  N Y N 61  
I6W O01  O N N 62  
I6W O14  O N N 63  
I6W O17  O N N 64  
I6W H051 H N N 65  
I6W H1   H N N 66  
I6W H041 H N N 67  
I6W H061 H N N 68  
I6W H111 H N N 69  
I6W H152 H N N 70  
I6W H151 H N N 71  
I6W H162 H N N 72  
I6W H163 H N N 73  
I6W H161 H N N 74  
I6W H181 H N N 75  
I6W H191 H N N 76  
I77 C11  C Y N 77  
I77 C12  C Y N 78  
I77 C13  C N N 79  
I77 C17  C Y N 80  
I77 C18  C Y N 81  
I77 C02  C N N 82  
I77 C03  C Y N 83  
I77 C04  C Y N 84  
I77 C05  C Y N 85  
I77 C06  C Y N 86  
I77 C08  C Y N 87  
I77 C09  C Y N 88  
I77 N01  N N N 89  
I77 N07  N Y N 90  
I77 N10  N Y N 91  
I77 N14  N N N 92  
I77 N15  N N N 93  
I77 O16  O N N 94  
I77 O19  O N N 95  
I77 H111 H N N 96  
I77 H171 H N N 97  
I77 H181 H N N 98  
I77 H041 H N N 99  
I77 H051 H N N 100 
I77 H061 H N N 101 
I77 H011 H N N 102 
I77 H012 H N N 103 
I77 H141 H N N 104 
I77 H1   H N N 105 
I77 H2   H N N 106 
LEU N    N N N 107 
LEU CA   C N S 108 
LEU C    C N N 109 
LEU O    O N N 110 
LEU CB   C N N 111 
LEU CG   C N N 112 
LEU CD1  C N N 113 
LEU CD2  C N N 114 
LEU OXT  O N N 115 
LEU H    H N N 116 
LEU H2   H N N 117 
LEU HA   H N N 118 
LEU HB2  H N N 119 
LEU HB3  H N N 120 
LEU HG   H N N 121 
LEU HD11 H N N 122 
LEU HD12 H N N 123 
LEU HD13 H N N 124 
LEU HD21 H N N 125 
LEU HD22 H N N 126 
LEU HD23 H N N 127 
LEU HXT  H N N 128 
MET N    N N N 129 
MET CA   C N S 130 
MET C    C N N 131 
MET O    O N N 132 
MET CB   C N N 133 
MET CG   C N N 134 
MET SD   S N N 135 
MET CE   C N N 136 
MET OXT  O N N 137 
MET H    H N N 138 
MET H2   H N N 139 
MET HA   H N N 140 
MET HB2  H N N 141 
MET HB3  H N N 142 
MET HG2  H N N 143 
MET HG3  H N N 144 
MET HE1  H N N 145 
MET HE2  H N N 146 
MET HE3  H N N 147 
MET HXT  H N N 148 
PHI N    N N N 149 
PHI CA   C N S 150 
PHI CB   C N N 151 
PHI CG   C Y N 152 
PHI CD1  C Y N 153 
PHI CD2  C Y N 154 
PHI CE1  C Y N 155 
PHI CE2  C Y N 156 
PHI CZ   C Y N 157 
PHI I    I N N 158 
PHI C    C N N 159 
PHI O    O N N 160 
PHI OXT  O N N 161 
PHI H    H N N 162 
PHI H2   H N N 163 
PHI HA   H N N 164 
PHI HB2  H N N 165 
PHI HB3  H N N 166 
PHI HD1  H N N 167 
PHI HD2  H N N 168 
PHI HE1  H N N 169 
PHI HE2  H N N 170 
PHI HXT  H N N 171 
SER N    N N N 172 
SER CA   C N S 173 
SER C    C N N 174 
SER O    O N N 175 
SER CB   C N N 176 
SER OG   O N N 177 
SER OXT  O N N 178 
SER H    H N N 179 
SER H2   H N N 180 
SER HA   H N N 181 
SER HB2  H N N 182 
SER HB3  H N N 183 
SER HG   H N N 184 
SER HXT  H N N 185 
# 
loop_
_chem_comp_bond.comp_id 
_chem_comp_bond.atom_id_1 
_chem_comp_bond.atom_id_2 
_chem_comp_bond.value_order 
_chem_comp_bond.pdbx_aromatic_flag 
_chem_comp_bond.pdbx_stereo_config 
_chem_comp_bond.pdbx_ordinal 
AIB N   CA   sing N N 1   
AIB N   H    sing N N 2   
AIB N   H2   sing N N 3   
AIB CA  C    sing N N 4   
AIB CA  CB1  sing N N 5   
AIB CA  CB2  sing N N 6   
AIB C   O    doub N N 7   
AIB C   OXT  sing N N 8   
AIB OXT HXT  sing N N 9   
AIB CB1 HB11 sing N N 10  
AIB CB1 HB12 sing N N 11  
AIB CB1 HB13 sing N N 12  
AIB CB2 HB21 sing N N 13  
AIB CB2 HB22 sing N N 14  
AIB CB2 HB23 sing N N 15  
CCN N   C1   trip N N 16  
CCN C1  C2   sing N N 17  
CCN C2  H21  sing N N 18  
CCN C2  H22  sing N N 19  
CCN C2  H23  sing N N 20  
GLN N   CA   sing N N 21  
GLN N   H    sing N N 22  
GLN N   H2   sing N N 23  
GLN CA  C    sing N N 24  
GLN CA  CB   sing N N 25  
GLN CA  HA   sing N N 26  
GLN C   O    doub N N 27  
GLN C   OXT  sing N N 28  
GLN CB  CG   sing N N 29  
GLN CB  HB2  sing N N 30  
GLN CB  HB3  sing N N 31  
GLN CG  CD   sing N N 32  
GLN CG  HG2  sing N N 33  
GLN CG  HG3  sing N N 34  
GLN CD  OE1  doub N N 35  
GLN CD  NE2  sing N N 36  
GLN NE2 HE21 sing N N 37  
GLN NE2 HE22 sing N N 38  
GLN OXT HXT  sing N N 39  
HOH O   H1   sing N N 40  
HOH O   H2   sing N N 41  
I6W O01 C02  doub N N 42  
I6W C02 C03  sing N N 43  
I6W C03 C06  doub Y N 44  
I6W C03 C04  sing Y N 45  
I6W C06 N07  sing Y N 46  
I6W C04 C05  doub Y N 47  
I6W N07 C08  doub Y N 48  
I6W C05 C08  sing Y N 49  
I6W C08 C09  sing N N 50  
I6W C09 C19  doub Y N 51  
I6W C09 N10  sing Y N 52  
I6W C19 C18  sing Y N 53  
I6W N10 C11  doub Y N 54  
I6W C18 C12  doub Y N 55  
I6W C11 C12  sing Y N 56  
I6W C12 C13  sing N N 57  
I6W C13 O17  doub N N 58  
I6W C13 O14  sing N N 59  
I6W O14 C15  sing N N 60  
I6W C15 C16  sing N N 61  
I6W C05 H051 sing N N 62  
I6W C02 H1   sing N N 63  
I6W C04 H041 sing N N 64  
I6W C06 H061 sing N N 65  
I6W C11 H111 sing N N 66  
I6W C15 H152 sing N N 67  
I6W C15 H151 sing N N 68  
I6W C16 H162 sing N N 69  
I6W C16 H163 sing N N 70  
I6W C16 H161 sing N N 71  
I6W C18 H181 sing N N 72  
I6W C19 H191 sing N N 73  
I77 N15 N14  sing N N 74  
I77 O16 C13  doub N N 75  
I77 N14 C13  sing N N 76  
I77 C13 C12  sing N N 77  
I77 C12 C17  doub Y N 78  
I77 C12 C11  sing Y N 79  
I77 C17 C18  sing Y N 80  
I77 C11 N10  doub Y N 81  
I77 C18 C09  doub Y N 82  
I77 N10 C09  sing Y N 83  
I77 C09 C08  sing N N 84  
I77 C08 N07  doub Y N 85  
I77 C08 C05  sing Y N 86  
I77 N07 C06  sing Y N 87  
I77 C05 C04  doub Y N 88  
I77 C06 C03  doub Y N 89  
I77 C04 C03  sing Y N 90  
I77 C03 C02  sing N N 91  
I77 C02 N01  sing N N 92  
I77 C02 O19  doub N N 93  
I77 C11 H111 sing N N 94  
I77 C17 H171 sing N N 95  
I77 C18 H181 sing N N 96  
I77 C04 H041 sing N N 97  
I77 C05 H051 sing N N 98  
I77 C06 H061 sing N N 99  
I77 N01 H011 sing N N 100 
I77 N01 H012 sing N N 101 
I77 N14 H141 sing N N 102 
I77 N15 H1   sing N N 103 
I77 N15 H2   sing N N 104 
LEU N   CA   sing N N 105 
LEU N   H    sing N N 106 
LEU N   H2   sing N N 107 
LEU CA  C    sing N N 108 
LEU CA  CB   sing N N 109 
LEU CA  HA   sing N N 110 
LEU C   O    doub N N 111 
LEU C   OXT  sing N N 112 
LEU CB  CG   sing N N 113 
LEU CB  HB2  sing N N 114 
LEU CB  HB3  sing N N 115 
LEU CG  CD1  sing N N 116 
LEU CG  CD2  sing N N 117 
LEU CG  HG   sing N N 118 
LEU CD1 HD11 sing N N 119 
LEU CD1 HD12 sing N N 120 
LEU CD1 HD13 sing N N 121 
LEU CD2 HD21 sing N N 122 
LEU CD2 HD22 sing N N 123 
LEU CD2 HD23 sing N N 124 
LEU OXT HXT  sing N N 125 
MET N   CA   sing N N 126 
MET N   H    sing N N 127 
MET N   H2   sing N N 128 
MET CA  C    sing N N 129 
MET CA  CB   sing N N 130 
MET CA  HA   sing N N 131 
MET C   O    doub N N 132 
MET C   OXT  sing N N 133 
MET CB  CG   sing N N 134 
MET CB  HB2  sing N N 135 
MET CB  HB3  sing N N 136 
MET CG  SD   sing N N 137 
MET CG  HG2  sing N N 138 
MET CG  HG3  sing N N 139 
MET SD  CE   sing N N 140 
MET CE  HE1  sing N N 141 
MET CE  HE2  sing N N 142 
MET CE  HE3  sing N N 143 
MET OXT HXT  sing N N 144 
PHI N   CA   sing N N 145 
PHI N   H    sing N N 146 
PHI N   H2   sing N N 147 
PHI CA  CB   sing N N 148 
PHI CA  C    sing N N 149 
PHI CA  HA   sing N N 150 
PHI CB  CG   sing N N 151 
PHI CB  HB2  sing N N 152 
PHI CB  HB3  sing N N 153 
PHI CG  CD1  doub Y N 154 
PHI CG  CD2  sing Y N 155 
PHI CD1 CE1  sing Y N 156 
PHI CD1 HD1  sing N N 157 
PHI CD2 CE2  doub Y N 158 
PHI CD2 HD2  sing N N 159 
PHI CE1 CZ   doub Y N 160 
PHI CE1 HE1  sing N N 161 
PHI CE2 CZ   sing Y N 162 
PHI CE2 HE2  sing N N 163 
PHI CZ  I    sing N N 164 
PHI C   O    doub N N 165 
PHI C   OXT  sing N N 166 
PHI OXT HXT  sing N N 167 
SER N   CA   sing N N 168 
SER N   H    sing N N 169 
SER N   H2   sing N N 170 
SER CA  C    sing N N 171 
SER CA  CB   sing N N 172 
SER CA  HA   sing N N 173 
SER C   O    doub N N 174 
SER C   OXT  sing N N 175 
SER CB  OG   sing N N 176 
SER CB  HB2  sing N N 177 
SER CB  HB3  sing N N 178 
SER OG  HG   sing N N 179 
SER OXT HXT  sing N N 180 
# 
_pdbx_audit_support.funding_organization   'Department of Energy (DOE, United States)' 
_pdbx_audit_support.country                ? 
_pdbx_audit_support.grant_number           DE-AC02-06CH11357 
_pdbx_audit_support.ordinal                1 
# 
_pdbx_initial_refinement_model.id               1 
_pdbx_initial_refinement_model.entity_id_list   ? 
_pdbx_initial_refinement_model.type             'experimental model' 
_pdbx_initial_refinement_model.source_name      PDB 
_pdbx_initial_refinement_model.accession_code   7TLS 
_pdbx_initial_refinement_model.details          ? 
# 
_space_group.name_H-M_alt     'P 1 21 1' 
_space_group.name_Hall        'P 2yb' 
_space_group.IT_number        4 
_space_group.crystal_system   monoclinic 
_space_group.id               1 
# 
_atom_sites.entry_id                    7TMH 
_atom_sites.Cartn_transf_matrix[1][1]   ? 
_atom_sites.Cartn_transf_matrix[1][2]   ? 
_atom_sites.Cartn_transf_matrix[1][3]   ? 
_atom_sites.Cartn_transf_matrix[2][1]   ? 
_atom_sites.Cartn_transf_matrix[2][2]   ? 
_atom_sites.Cartn_transf_matrix[2][3]   ? 
_atom_sites.Cartn_transf_matrix[3][1]   ? 
_atom_sites.Cartn_transf_matrix[3][2]   ? 
_atom_sites.Cartn_transf_matrix[3][3]   ? 
_atom_sites.Cartn_transf_vector[1]      ? 
_atom_sites.Cartn_transf_vector[2]      ? 
_atom_sites.Cartn_transf_vector[3]      ? 
_atom_sites.fract_transf_matrix[1][1]   -0.00591487 
_atom_sites.fract_transf_matrix[1][2]   0.01649609 
_atom_sites.fract_transf_matrix[1][3]   -0.07194940 
_atom_sites.fract_transf_matrix[2][1]   -0.06999951 
_atom_sites.fract_transf_matrix[2][2]   -0.02400939 
_atom_sites.fract_transf_matrix[2][3]   0.00024986 
_atom_sites.fract_transf_matrix[3][1]   -0.01182953 
_atom_sites.fract_transf_matrix[3][2]   0.03453298 
_atom_sites.fract_transf_matrix[3][3]   0.00421946 
_atom_sites.fract_transf_vector[1]      -0.361434 
_atom_sites.fract_transf_vector[2]      0.185030 
_atom_sites.fract_transf_vector[3]      -0.159428 
_atom_sites.solution_primary            ? 
_atom_sites.solution_secondary          ? 
_atom_sites.solution_hydrogens          ? 
_atom_sites.special_details             ? 
# 
loop_
_atom_type.symbol 
_atom_type.scat_dispersion_real 
_atom_type.scat_dispersion_imag 
_atom_type.scat_Cromer_Mann_a1 
_atom_type.scat_Cromer_Mann_a2 
_atom_type.scat_Cromer_Mann_a3 
_atom_type.scat_Cromer_Mann_a4 
_atom_type.scat_Cromer_Mann_b1 
_atom_type.scat_Cromer_Mann_b2 
_atom_type.scat_Cromer_Mann_b3 
_atom_type.scat_Cromer_Mann_b4 
_atom_type.scat_Cromer_Mann_c 
_atom_type.scat_source 
_atom_type.scat_dispersion_source 
C ? ? 2.51340  1.74867  1.72398 ? 31.80534 0.44561  10.58317 ? 0.0 
;3-Gaussian fit: Grosse-Kunstleve RW, Sauter NK, Adams PD: Newsletter of the IUCr Commission on Crystallographic Computing 2004, 3, 22-31.
;
? 
H ? ? 0.53795  0.34799  0.11320 ? 10.08003 29.74760 2.57510  ? 0.0 
;3-Gaussian fit: Grosse-Kunstleve RW, Sauter NK, Adams PD: Newsletter of the IUCr Commission on Crystallographic Computing 2004, 3, 22-31.
;
? 
I ? ? 22.13348 21.31527 9.47258 ? 0.26566  4.19946  34.57399 ? 0.0 
;3-Gaussian fit: Grosse-Kunstleve RW, Sauter NK, Adams PD: Newsletter of the IUCr Commission on Crystallographic Computing 2004, 3, 22-31.
;
? 
N ? ? 2.99955  2.25584  1.72788 ? 23.27268 7.45433  0.31622  ? 0.0 
;3-Gaussian fit: Grosse-Kunstleve RW, Sauter NK, Adams PD: Newsletter of the IUCr Commission on Crystallographic Computing 2004, 3, 22-31.
;
? 
O ? ? 3.21184  3.04156  1.73156 ? 18.83700 5.90590  0.24126  ? 0.0 
;3-Gaussian fit: Grosse-Kunstleve RW, Sauter NK, Adams PD: Newsletter of the IUCr Commission on Crystallographic Computing 2004, 3, 22-31.
;
? 
S ? ? 6.83013  6.13863  2.99358 ? 0.66409  30.18870 3.52397  ? 0.0 
;3-Gaussian fit: Grosse-Kunstleve RW, Sauter NK, Adams PD: Newsletter of the IUCr Commission on Crystallographic Computing 2004, 3, 22-31.
;
? 
# 
loop_
_atom_site.group_PDB 
_atom_site.id 
_atom_site.type_symbol 
_atom_site.label_atom_id 
_atom_site.label_alt_id 
_atom_site.label_comp_id 
_atom_site.label_asym_id 
_atom_site.label_entity_id 
_atom_site.label_seq_id 
_atom_site.pdbx_PDB_ins_code 
_atom_site.Cartn_x 
_atom_site.Cartn_y 
_atom_site.Cartn_z 
_atom_site.occupancy 
_atom_site.B_iso_or_equiv 
_atom_site.pdbx_formal_charge 
_atom_site.auth_seq_id 
_atom_site.auth_comp_id 
_atom_site.auth_asym_id 
_atom_site.auth_atom_id 
_atom_site.pdbx_PDB_model_num 
HETATM 1   C C05  . I6W A 1 1  ? -2.58433 -8.89112  5.14974   1.000 7.75221  ? 1   I6W A C05  1 
HETATM 2   C C08  . I6W A 1 1  ? -2.54091 -9.08137  6.49880   1.000 7.85499  ? 1   I6W A C08  1 
HETATM 3   C C09  . I6W A 1 1  ? -2.11220 -10.41627 7.04956   1.000 8.39053  ? 1   I6W A C09  1 
HETATM 4   N N10  . I6W A 1 1  ? -1.75684 -11.35797 6.21217   1.000 9.14230  ? 1   I6W A N10  1 
HETATM 5   C C02  . I6W A 1 1  ? -3.56589 -5.28336  5.03258   1.000 5.42865  ? 1   I6W A C02  1 
HETATM 6   C C03  . I6W A 1 1  ? -3.23594 -6.66144  5.57882   1.000 6.52005  ? 1   I6W A C03  1 
HETATM 7   C C04  . I6W A 1 1  ? -2.94003 -7.63800  4.65591   1.000 7.14694  ? 1   I6W A C04  1 
HETATM 8   C C06  . I6W A 1 1  ? -3.16869 -6.92023  6.93849   1.000 7.22400  ? 1   I6W A C06  1 
HETATM 9   C C11  . I6W A 1 1  ? -1.33369 -12.52874 6.62941   1.000 9.17098  ? 1   I6W A C11  1 
HETATM 10  C C12  . I6W A 1 1  ? -1.24727 -12.77618 7.98474   1.000 9.60421  ? 1   I6W A C12  1 
HETATM 11  C C13  . I6W A 1 1  ? -0.76774 -14.15451 8.46463   1.000 10.71474 ? 1   I6W A C13  1 
HETATM 12  C C15  . I6W A 1 1  ? 0.20707  -16.21664 7.93531   1.000 11.78130 ? 1   I6W A C15  1 
HETATM 13  C C16  . I6W A 1 1  ? 0.87777  -16.89452 6.72778   1.000 12.85019 ? 1   I6W A C16  1 
HETATM 14  C C18  . I6W A 1 1  ? -1.58389 -11.82250 8.89458   1.000 9.29932  ? 1   I6W A C18  1 
HETATM 15  C C19  . I6W A 1 1  ? -2.01729 -10.59869 8.41181   1.000 8.79848  ? 1   I6W A C19  1 
HETATM 16  N N07  . I6W A 1 1  ? -2.81579 -8.12517  7.37035   1.000 8.04917  ? 1   I6W A N07  1 
HETATM 17  O O01  . I6W A 1 1  ? -3.09251 -4.87736  4.00032   1.000 5.44568  ? 1   I6W A O01  1 
HETATM 18  O O14  . I6W A 1 1  ? -0.27894 -14.97090 7.44730   1.000 10.90956 ? 1   I6W A O14  1 
HETATM 19  O O17  . I6W A 1 1  ? -0.81050 -14.51321 9.58070   1.000 12.05463 ? 1   I6W A O17  1 
HETATM 20  H H051 . I6W A 1 1  ? -2.34921 -9.69069  4.48189   1.000 9.32396  ? 1   I6W A H051 1 
HETATM 21  H H041 . I6W A 1 1  ? -2.98344 -7.43370  3.55556   1.000 8.59763  ? 1   I6W A H041 1 
HETATM 22  H H061 . I6W A 1 1  ? -3.40507 -6.13600  7.65157   1.000 8.69011  ? 1   I6W A H061 1 
HETATM 23  H H111 . I6W A 1 1  ? -1.05925 -13.28164 5.92794   1.000 11.02648 ? 1   I6W A H111 1 
HETATM 24  H H152 . I6W A 1 1  ? -0.61081 -16.82364 8.30343   1.000 14.15887 ? 1   I6W A H152 1 
HETATM 25  H H151 . I6W A 1 1  ? 0.92783  -16.05713 8.72775   1.000 14.15887 ? 1   I6W A H151 1 
HETATM 26  H H162 . I6W A 1 1  ? 0.73948  -17.98967 6.79672   1.000 15.44154 ? 1   I6W A H162 1 
HETATM 27  H H163 . I6W A 1 1  ? 0.41697  -16.52222 5.79381   1.000 15.44154 ? 1   I6W A H163 1 
HETATM 28  H H161 . I6W A 1 1  ? 1.95822  -16.65816 6.72618   1.000 15.44154 ? 1   I6W A H161 1 
HETATM 29  H H181 . I6W A 1 1  ? -1.51536 -12.01352 9.96552   1.000 11.18049 ? 1   I6W A H181 1 
HETATM 30  H H191 . I6W A 1 1  ? -2.27840 -9.79495  9.09706   1.000 10.57948 ? 1   I6W A H191 1 
ATOM   31  N N    . LEU A 1 2  ? -4.33078 -4.46916  5.91026   1.000 5.06721  ? 2   LEU A N    1 
ATOM   32  C CA   . LEU A 1 2  ? -4.68834 -3.17250  5.37952   1.000 4.31556  ? 2   LEU A CA   1 
ATOM   33  C C    . LEU A 1 2  ? -3.45872 -2.34918  5.01108   1.000 3.98365  ? 2   LEU A C    1 
ATOM   34  O O    . LEU A 1 2  ? -3.45651 -1.68045  3.97497   1.000 4.13809  ? 2   LEU A O    1 
ATOM   35  C CB   . LEU A 1 2  ? -5.54791 -2.41950  6.39045   1.000 4.91077  ? 2   LEU A CB   1 
ATOM   36  C CG   . LEU A 1 2  ? -5.93292 -0.99409  5.97300   1.000 5.54387  ? 2   LEU A CG   1 
ATOM   37  C CD1  . LEU A 1 2  ? -6.69022 -0.96573  4.65879   1.000 6.25664  ? 2   LEU A CD1  1 
ATOM   38  C CD2  . LEU A 1 2  ? -6.73909 -0.34786  7.08288   1.000 6.82698  ? 2   LEU A CD2  1 
ATOM   39  H HA   . LEU A 1 2  ? -5.20124 -3.29571  4.56549   1.000 5.19999  ? 2   LEU A HA   1 
ATOM   40  H HB2  . LEU A 1 2  ? -6.36981 -2.91665  6.52534   1.000 5.91424  ? 2   LEU A HB2  1 
ATOM   41  H HB3  . LEU A 1 2  ? -5.05711 -2.35722  7.22481   1.000 5.91424  ? 2   LEU A HB3  1 
ATOM   42  H HG   . LEU A 1 2  ? -5.12342 -0.48010  5.82670   1.000 6.67395  ? 2   LEU A HG   1 
ATOM   43  H HD11 . LEU A 1 2  ? -6.09729 -1.25181  3.94641   1.000 7.52928  ? 2   LEU A HD11 1 
ATOM   44  H HD12 . LEU A 1 2  ? -7.44931 -1.56665  4.71869   1.000 7.52928  ? 2   LEU A HD12 1 
ATOM   45  H HD13 . LEU A 1 2  ? -6.99699 -0.06104  4.49054   1.000 7.52928  ? 2   LEU A HD13 1 
ATOM   46  H HD21 . LEU A 1 2  ? -6.20932 -0.34143  7.89541   1.000 8.21369  ? 2   LEU A HD21 1 
ATOM   47  H HD22 . LEU A 1 2  ? -6.96001 0.56072   6.82485   1.000 8.21369  ? 2   LEU A HD22 1 
ATOM   48  H HD23 . LEU A 1 2  ? -7.55164 -0.85910  7.22183   1.000 8.21369  ? 2   LEU A HD23 1 
HETATM 49  N N    . AIB A 1 3  ? -2.42684 -2.36087  5.85937   1.000 4.02411  ? 3   AIB A N    1 
HETATM 50  C CA   . AIB A 1 3  ? -1.24258 -1.55883  5.58996   1.000 4.26008  ? 3   AIB A CA   1 
HETATM 51  C C    . AIB A 1 3  ? -0.75157 -1.80298  4.15337   1.000 3.96862  ? 3   AIB A C    1 
HETATM 52  O O    . AIB A 1 3  ? -0.45413 -0.88868  3.38465   1.000 4.36023  ? 3   AIB A O    1 
HETATM 53  C CB1  . AIB A 1 3  ? -1.55295 -0.06194  5.76082   1.000 4.69858  ? 3   AIB A CB1  1 
HETATM 54  C CB2  . AIB A 1 3  ? -0.10191 -1.95217  6.52579   1.000 4.76096  ? 3   AIB A CB2  1 
HETATM 55  H H    . AIB A 1 3  ? -2.48770 -2.59904  6.82972   1.000 4.85025  ? 3   AIB A H    1 
HETATM 56  H HB11 . AIB A 1 3  ? -1.82773 0.14673   6.82215   1.000 5.65961  ? 3   AIB A HB11 1 
HETATM 57  H HB12 . AIB A 1 3  ? -0.65512 0.54214   5.48797   1.000 5.65961  ? 3   AIB A HB12 1 
HETATM 58  H HB13 . AIB A 1 3  ? -2.40382 0.22411   5.09776   1.000 5.65961  ? 3   AIB A HB13 1 
HETATM 59  H HB21 . AIB A 1 3  ? 0.25470  -2.97578  6.25608   1.000 5.73446  ? 3   AIB A HB21 1 
HETATM 60  H HB22 . AIB A 1 3  ? 0.73198  -1.21754  6.41332   1.000 5.73446  ? 3   AIB A HB22 1 
HETATM 61  H HB23 . AIB A 1 3  ? -0.47494 -1.94506  7.57864   1.000 5.73446  ? 3   AIB A HB23 1 
ATOM   62  N N    . SER A 1 4  ? -0.64861 -3.07814  3.78661   1.000 4.06793  ? 4   SER A N    1 
ATOM   63  C CA   . SER A 1 4  ? -0.12706 -3.42261  2.46769   1.000 4.37513  ? 4   SER A CA   1 
ATOM   64  C C    . SER A 1 4  ? -1.04083 -2.91978  1.34378   1.000 4.13832  ? 4   SER A C    1 
ATOM   65  O O    . SER A 1 4  ? -0.56553 -2.57810  0.26342   1.000 4.69750  ? 4   SER A O    1 
ATOM   66  C CB   . SER A 1 4  ? 0.11028  -4.92987  2.35331   1.000 5.23305  ? 4   SER A CB   1 
ATOM   67  O OG   . SER A 1 4  ? -1.09089 -5.67744  2.29452   1.000 5.99109  ? 4   SER A OG   1 
ATOM   68  H H    . SER A 1 4  ? -0.87036 -3.75016  4.27530   1.000 4.90283  ? 4   SER A H    1 
ATOM   69  H HA   . SER A 1 4  ? 0.73026  -2.98442  2.34986   1.000 5.27147  ? 4   SER A HA   1 
ATOM   70  H HB2  . SER A 1 4  ? 0.61760  -5.10012  1.54427   1.000 6.30097  ? 4   SER A HB2  1 
ATOM   71  H HB3  . SER A 1 4  ? 0.61511  -5.22074  3.12884   1.000 6.30097  ? 4   SER A HB3  1 
ATOM   72  H HG   . SER A 1 4  ? -0.99377 -6.33752  1.78415   1.000 7.21062  ? 4   SER A HG   1 
HETATM 73  N N    A PHI A 1 5  ? -2.34039 -2.85206  1.59784   0.339 5.08049  ? 5   PHI A N    1 
HETATM 74  N N    B PHI A 1 5  ? -2.34312 -2.87896  1.60789   0.661 3.35376  ? 5   PHI A N    1 
HETATM 75  C CA   A PHI A 1 5  ? -3.26667 -2.39798  0.58800   0.339 6.19414  ? 5   PHI A CA   1 
HETATM 76  C CA   B PHI A 1 5  ? -3.29734 -2.40376  0.64279   0.661 3.25367  ? 5   PHI A CA   1 
HETATM 77  C CB   A PHI A 1 5  ? -4.70220 -2.95639  0.72169   0.339 9.17511  ? 5   PHI A CB   1 
HETATM 78  C CB   B PHI A 1 5  ? -4.75118 -2.78848  1.00837   0.661 3.84741  ? 5   PHI A CB   1 
HETATM 79  C CG   A PHI A 1 5  ? -4.75057 -4.37118  0.24735   0.339 11.94989 ? 5   PHI A CG   1 
HETATM 80  C CG   B PHI A 1 5  ? -4.94447 -4.25263  1.27345   0.661 4.72060  ? 5   PHI A CG   1 
HETATM 81  C CD1  A PHI A 1 5  ? -4.49851 -5.43339  1.12663   0.339 13.10817 ? 5   PHI A CD1  1 
HETATM 82  C CD1  B PHI A 1 5  ? -5.94543 -4.68327  2.14899   0.661 5.57528  ? 5   PHI A CD1  1 
HETATM 83  C CD2  A PHI A 1 5  ? -5.05010 -4.67712  -1.08805  0.339 13.31383 ? 5   PHI A CD2  1 
HETATM 84  C CD2  B PHI A 1 5  ? -4.15776 -5.24555  0.67445   0.661 5.53877  ? 5   PHI A CD2  1 
HETATM 85  C CE1  A PHI A 1 5  ? -4.54611 -6.75890  0.68777   0.339 13.88741 ? 5   PHI A CE1  1 
HETATM 86  C CE1  B PHI A 1 5  ? -6.16291 -6.04579  2.41665   0.661 6.57853  ? 5   PHI A CE1  1 
HETATM 87  C CE2  A PHI A 1 5  ? -5.09583 -6.00516  -1.52858  0.339 14.01707 ? 5   PHI A CE2  1 
HETATM 88  C CE2  B PHI A 1 5  ? -4.37898 -6.61019  0.93012   0.661 6.86638  ? 5   PHI A CE2  1 
HETATM 89  C CZ   A PHI A 1 5  ? -4.84574 -7.05878  -0.64143  0.339 14.07605 ? 5   PHI A CZ   1 
HETATM 90  C CZ   B PHI A 1 5  ? -5.37520 -7.03336  1.81654   0.661 7.54812  ? 5   PHI A CZ   1 
HETATM 91  I I    A PHI A 1 5  ? -4.91760 -8.99439  -1.25407  0.339 13.99363 ? 5   PHI A I    1 
HETATM 92  I I    B PHI A 1 5  ? -5.66478 -9.01675  2.19594   0.661 10.50728 ? 5   PHI A I    1 
HETATM 93  C C    A PHI A 1 5  ? -3.29384 -0.86841  0.44777   0.339 4.60472  ? 5   PHI A C    1 
HETATM 94  C C    B PHI A 1 5  ? -3.20558 -0.89067  0.40775   0.661 3.04889  ? 5   PHI A C    1 
HETATM 95  O O    A PHI A 1 5  ? -3.85953 -0.32114  -0.49865  0.339 4.31253  ? 5   PHI A O    1 
HETATM 96  O O    B PHI A 1 5  ? -3.60243 -0.38410  -0.64292  0.661 3.27479  ? 5   PHI A O    1 
HETATM 97  H H    A PHI A 1 5  ? -2.73781 -2.74558  2.51146   0.339 6.11790  ? 5   PHI A H    1 
HETATM 98  H H    B PHI A 1 5  ? -2.72991 -2.81016  2.52966   0.661 4.04582  ? 5   PHI A H    1 
HETATM 99  H HA   A PHI A 1 5  ? -2.87119 -2.73016  -0.42044  0.339 7.45428  ? 5   PHI A HA   1 
HETATM 100 H HA   B PHI A 1 5  ? -3.03821 -2.82600  -0.37616  0.661 3.92571  ? 5   PHI A HA   1 
HETATM 101 H HB2  A PHI A 1 5  ? -5.40648 -2.32292  0.11849   0.339 11.03145 ? 5   PHI A HB2  1 
HETATM 102 H HB2  B PHI A 1 5  ? -5.42348 -2.47468  0.16536   0.661 4.63820  ? 5   PHI A HB2  1 
HETATM 103 H HB3  A PHI A 1 5  ? -5.02659 -2.89808  1.79523   0.339 11.03145 ? 5   PHI A HB3  1 
HETATM 104 H HB3  B PHI A 1 5  ? -5.05348 -2.20593  1.91962   0.661 4.63820  ? 5   PHI A HB3  1 
HETATM 105 H HD1  A PHI A 1 5  ? -4.25900 -5.22207  2.18029   0.339 15.75112 ? 5   PHI A HD1  1 
HETATM 106 H HD1  B PHI A 1 5  ? -6.58327 -3.93505  2.64452   0.661 6.71165  ? 5   PHI A HD1  1 
HETATM 107 H HD2  A PHI A 1 5  ? -5.25212 -3.86204  -1.80013  0.339 15.99791 ? 5   PHI A HD2  1 
HETATM 108 H HD2  B PHI A 1 5  ? -3.34854 -4.95100  -0.01155  0.661 6.66783  ? 5   PHI A HD2  1 
HETATM 109 H HE1  A PHI A 1 5  ? -4.34322 -7.56844  1.40742   0.339 16.68620 ? 5   PHI A HE1  1 
HETATM 110 H HE1  B PHI A 1 5  ? -6.96953 -6.32937  3.11190   0.661 7.91555  ? 5   PHI A HE1  1 
HETATM 111 H HE2  A PHI A 1 5  ? -5.33173 -6.21183  -2.58501  0.339 16.84180 ? 5   PHI A HE2  1 
HETATM 112 H HE2  B PHI A 1 5  ? -3.74871 -7.35385  0.41616   0.661 8.26097  ? 5   PHI A HE2  1 
ATOM   113 N N    . LEU A 1 6  ? -2.66900 -0.16453  1.39913   1.000 3.68453  ? 6   LEU A N    1 
ATOM   114 C CA   . LEU A 1 6  ? -2.40156 1.26942   1.23531   1.000 4.03541  ? 6   LEU A CA   1 
ATOM   115 C C    . LEU A 1 6  ? -0.98034 1.48677   0.68680   1.000 4.19031  ? 6   LEU A C    1 
ATOM   116 O O    . LEU A 1 6  ? -0.76494 2.32402   -0.19468  1.000 5.04431  ? 6   LEU A O    1 
ATOM   117 C CB   . LEU A 1 6  ? -2.61613 2.02901   2.54790   1.000 4.34840  ? 6   LEU A CB   1 
ATOM   118 C CG   . LEU A 1 6  ? -4.02675 1.90466   3.12795   1.000 5.30902  ? 6   LEU A CG   1 
ATOM   119 C CD1  . LEU A 1 6  ? -4.15389 2.68559   4.41916   1.000 5.91259  ? 6   LEU A CD1  1 
ATOM   120 C CD2  . LEU A 1 6  ? -5.09482 2.33967   2.13008   1.000 6.33239  ? 6   LEU A CD2  1 
ATOM   121 H H    A LEU A 1 6  ? -2.39170 -0.49258  2.14417   0.339 4.44275  ? 6   LEU A H    1 
ATOM   122 H H    B LEU A 1 6  ? -2.45298 -0.47825  2.17018   0.661 4.44275  ? 6   LEU A H    1 
ATOM   123 H HA   . LEU A 1 6  ? -3.02918 1.64453   0.59791   1.000 4.86380  ? 6   LEU A HA   1 
ATOM   124 H HB2  . LEU A 1 6  ? -1.99520 1.68458   3.20874   1.000 5.23940  ? 6   LEU A HB2  1 
ATOM   125 H HB3  . LEU A 1 6  ? -2.44490 2.97079   2.39090   1.000 5.23940  ? 6   LEU A HB3  1 
ATOM   126 H HG   . LEU A 1 6  ? -4.18263 0.96752   3.32383   1.000 6.39213  ? 6   LEU A HG   1 
ATOM   127 H HD11 . LEU A 1 6  ? -4.01154 3.62708   4.23414   1.000 7.11642  ? 6   LEU A HD11 1 
ATOM   128 H HD12 . LEU A 1 6  ? -5.04268 2.55078   4.78355   1.000 7.11642  ? 6   LEU A HD12 1 
ATOM   129 H HD13 . LEU A 1 6  ? -3.48699 2.36746   5.04760   1.000 7.11642  ? 6   LEU A HD13 1 
ATOM   130 H HD21 . LEU A 1 6  ? -4.74427 3.06348   1.58776   1.000 7.62018  ? 6   LEU A HD21 1 
ATOM   131 H HD22 . LEU A 1 6  ? -5.32567 1.58532   1.56567   1.000 7.62018  ? 6   LEU A HD22 1 
ATOM   132 H HD23 . LEU A 1 6  ? -5.87804 2.64046   2.61689   1.000 7.62018  ? 6   LEU A HD23 1 
ATOM   133 N N    A MET A 1 7  ? -0.01219 0.71439   1.19852   0.837 3.98823  ? 7   MET A N    1 
ATOM   134 N N    B MET A 1 7  ? -0.03454 0.69079   1.19340   0.163 4.49600  ? 7   MET A N    1 
ATOM   135 C CA   A MET A 1 7  ? 1.37866  0.87719   0.77839   0.837 4.27077  ? 7   MET A CA   1 
ATOM   136 C CA   B MET A 1 7  ? 1.36593  0.81828   0.80959   0.163 5.00849  ? 7   MET A CA   1 
ATOM   137 C C    A MET A 1 7  ? 1.64233  0.37125   -0.63261  0.837 4.00501  ? 7   MET A C    1 
ATOM   138 C C    B MET A 1 7  ? 1.65236  0.30772   -0.59391  0.163 4.33209  ? 7   MET A C    1 
ATOM   139 O O    A MET A 1 7  ? 2.70898  0.67675   -1.18636  0.837 4.18070  ? 7   MET A O    1 
ATOM   140 O O    B MET A 1 7  ? 2.76307  0.52119   -1.08997  0.163 4.32930  ? 7   MET A O    1 
ATOM   141 C CB   A MET A 1 7  ? 2.32431  0.16861   1.75445   0.837 4.70703  ? 7   MET A CB   1 
ATOM   142 C CB   B MET A 1 7  ? 2.25920  0.07276   1.80391   0.163 6.30294  ? 7   MET A CB   1 
ATOM   143 C CG   A MET A 1 7  ? 2.41067  0.78027   3.13623   0.837 5.87587  ? 7   MET A CG   1 
ATOM   144 C CG   B MET A 1 7  ? 2.25273  0.66465   3.19803   0.163 7.77144  ? 7   MET A CG   1 
ATOM   145 S SD   A MET A 1 7  ? 3.67492  -0.09061  4.09777   0.837 7.74887  ? 7   MET A SD   1 
ATOM   146 S SD   B MET A 1 7  ? 2.98469  2.30907   3.32561   0.163 9.31854  ? 7   MET A SD   1 
ATOM   147 C CE   A MET A 1 7  ? 3.33456  0.54849   5.72758   0.837 7.60185  ? 7   MET A CE   1 
ATOM   148 C CE   B MET A 1 7  ? 4.42438  2.25257   2.27342   0.163 9.55329  ? 7   MET A CE   1 
ATOM   149 H H    A MET A 1 7  ? -0.13707 0.09672   1.78375   0.837 4.80719  ? 7   MET A H    1 
ATOM   150 H H    B MET A 1 7  ? -0.18267 0.06559   1.76506   0.163 5.41651  ? 7   MET A H    1 
ATOM   151 H HA   A MET A 1 7  ? 1.58081  1.82540   0.80902   0.837 5.14624  ? 7   MET A HA   1 
ATOM   152 H HA   B MET A 1 7  ? 1.59385  1.76033   0.84804   0.163 6.03150  ? 7   MET A HA   1 
ATOM   153 H HB2  A MET A 1 7  ? 2.02193  -0.74675  1.86212   0.837 5.66975  ? 7   MET A HB2  1 
ATOM   154 H HB2  B MET A 1 7  ? 1.95194  -0.84484  1.87099   0.163 7.58484  ? 7   MET A HB2  1 
ATOM   155 H HB3  A MET A 1 7  ? 3.21771  0.18065   1.37686   0.837 5.66975  ? 7   MET A HB3  1 
ATOM   156 H HB3  B MET A 1 7  ? 3.17261  0.09379   1.47814   0.163 7.58484  ? 7   MET A HB3  1 
ATOM   157 H HG2  A MET A 1 7  ? 2.65688  1.71597   3.06738   0.837 7.07236  ? 7   MET A HG2  1 
ATOM   158 H HG2  B MET A 1 7  ? 1.33347  0.73078   3.50050   0.163 9.34704  ? 7   MET A HG2  1 
ATOM   159 H HG3  A MET A 1 7  ? 1.55683  0.69428   3.58840   0.837 7.07236  ? 7   MET A HG3  1 
ATOM   160 H HG3  B MET A 1 7  ? 2.75357  0.07662   3.78480   0.163 9.34704  ? 7   MET A HG3  1 
ATOM   161 H HE1  A MET A 1 7  ? 2.75283  -0.07140  6.19474   0.837 9.14353  ? 7   MET A HE1  1 
ATOM   162 H HE1  B MET A 1 7  ? 4.73154  3.15796   2.10962   0.163 11.48526 ? 7   MET A HE1  1 
ATOM   163 H HE2  A MET A 1 7  ? 4.17059  0.64501   6.20991   0.837 9.14353  ? 7   MET A HE2  1 
ATOM   164 H HE2  B MET A 1 7  ? 5.11997  1.74247   2.71710   0.163 11.48526 ? 7   MET A HE2  1 
ATOM   165 H HE3  A MET A 1 7  ? 2.89943  1.41138   5.64391   0.837 9.14353  ? 7   MET A HE3  1 
ATOM   166 H HE3  B MET A 1 7  ? 4.18613  1.82728   1.43481   0.163 11.48526 ? 7   MET A HE3  1 
ATOM   167 N N    . GLN A 1 8  ? 0.70055  -0.35686  -1.24186  1.000 3.94283  ? 8   GLN A N    1 
ATOM   168 C CA   . GLN A 1 8  ? 0.88908  -0.78863  -2.62223  1.000 3.50650  ? 8   GLN A CA   1 
ATOM   169 C C    . GLN A 1 8  ? 1.13002  0.39676   -3.55078  1.000 3.44969  ? 8   GLN A C    1 
ATOM   170 O O    . GLN A 1 8  ? 1.71513  0.21820   -4.62764  1.000 3.76452  ? 8   GLN A O    1 
ATOM   171 C CB   . GLN A 1 8  ? -0.30337 -1.60953  -3.13020  1.000 3.48697  ? 8   GLN A CB   1 
ATOM   172 C CG   . GLN A 1 8  ? -1.60956 -0.81257  -3.22663  1.000 3.55297  ? 8   GLN A CG   1 
ATOM   173 C CD   . GLN A 1 8  ? -2.72520 -1.61887  -3.85578  1.000 3.33073  ? 8   GLN A CD   1 
ATOM   174 O OE1  . GLN A 1 8  ? -2.59938 -2.13098  -4.97327  1.000 3.77523  ? 8   GLN A OE1  1 
ATOM   175 N NE2  . GLN A 1 8  ? -3.84863 -1.73225  -3.13710  1.000 4.01422  ? 8   GLN A NE2  1 
ATOM   176 H H    A GLN A 1 8  ? -0.03930 -0.60624  -0.88127  0.837 4.75271  ? 8   GLN A H    1 
ATOM   177 H H    B GLN A 1 8  ? -0.06155 -0.56932  -0.90473  0.163 4.75271  ? 8   GLN A H    1 
ATOM   178 H HA   . GLN A 1 8  ? 1.67134  -1.36167  -2.64670  1.000 4.22911  ? 8   GLN A HA   1 
ATOM   179 H HB2  . GLN A 1 8  ? -0.09556 -1.94485  -4.01635  1.000 4.20567  ? 8   GLN A HB2  1 
ATOM   180 H HB3  . GLN A 1 8  ? -0.45318 -2.35013  -2.52194  1.000 4.20567  ? 8   GLN A HB3  1 
ATOM   181 H HG2  . GLN A 1 8  ? -1.89012 -0.55207  -2.33538  1.000 4.28487  ? 8   GLN A HG2  1 
ATOM   182 H HG3  . GLN A 1 8  ? -1.46183 -0.02393  -3.77171  1.000 4.28487  ? 8   GLN A HG3  1 
ATOM   183 H HE21 . GLN A 1 8  ? -3.90483 -1.35763  -2.36503  1.000 4.83837  ? 8   GLN A HE21 1 
ATOM   184 H HE22 . GLN A 1 8  ? -4.51427 -2.17971  -3.44741  1.000 4.83837  ? 8   GLN A HE22 1 
HETATM 185 N N    A AIB A 1 9  ? 0.68850  1.58735   -3.16053  0.707 3.94601  ? 9   AIB A N    1 
HETATM 186 N N    B AIB A 1 9  ? 0.71056  1.57937   -3.11231  0.293 3.60730  ? 9   AIB A N    1 
HETATM 187 C CA   A AIB A 1 9  ? 0.96540  2.80401   -3.91180  0.707 4.50412  ? 9   AIB A CA   1 
HETATM 188 C CA   B AIB A 1 9  ? 0.92538  2.81559   -3.83566  0.293 3.76570  ? 9   AIB A CA   1 
HETATM 189 C C    A AIB A 1 9  ? 2.47767  2.98937   -4.18475  0.707 4.06536  ? 9   AIB A C    1 
HETATM 190 C C    B AIB A 1 9  ? 2.38549  3.05343   -4.25448  0.293 3.81713  ? 9   AIB A C    1 
HETATM 191 O O    A AIB A 1 9  ? 2.89284  3.65406   -5.12803  0.707 4.90276  ? 9   AIB A O    1 
HETATM 192 O O    B AIB A 1 9  ? 2.68942  3.76036   -5.20757  0.293 3.87302  ? 9   AIB A O    1 
HETATM 193 C CB1  A AIB A 1 9  ? 0.22596  2.82489   -5.26351  0.707 5.34391  ? 9   AIB A CB1  1 
HETATM 194 C CB1  B AIB A 1 9  ? 0.07259  2.89279   -5.11487  0.293 3.85513  ? 9   AIB A CB1  1 
HETATM 195 C CB2  A AIB A 1 9  ? 0.52448  4.00390   -3.07558  0.707 5.43676  ? 9   AIB A CB2  1 
HETATM 196 C CB2  B AIB A 1 9  ? 0.55167  3.98328   -2.91359  0.293 4.12845  ? 9   AIB A CB2  1 
HETATM 197 H H    A AIB A 1 9  ? 0.45555  1.81672   -2.21442  0.707 4.75652  ? 9   AIB A H    1 
HETATM 198 H H    B AIB A 1 9  ? 0.54066  1.78605   -2.14773  0.293 4.35008  ? 9   AIB A H    1 
HETATM 199 H HB11 A AIB A 1 9  ? 0.02393  3.88001   -5.56577  0.707 6.43400  ? 9   AIB A HB11 1 
HETATM 200 H HB11 B AIB A 1 9  ? 0.33306  2.04528   -5.79259  0.293 4.64746  ? 9   AIB A HB11 1 
HETATM 201 H HB12 A AIB A 1 9  ? 0.85406  2.33283   -6.04378  0.707 6.43400  ? 9   AIB A HB12 1 
HETATM 202 H HB12 B AIB A 1 9  ? -1.00980 2.83226   -4.84985  0.293 4.64746  ? 9   AIB A HB12 1 
HETATM 203 H HB13 A AIB A 1 9  ? -0.74200 2.27711   -5.17152  0.707 6.43400  ? 9   AIB A HB13 1 
HETATM 204 H HB13 B AIB A 1 9  ? 0.26895  3.85749   -5.64047  0.293 4.64746  ? 9   AIB A HB13 1 
HETATM 205 H HB21 A AIB A 1 9  ? 0.88469  4.94139   -3.56450  0.707 6.54543  ? 9   AIB A HB21 1 
HETATM 206 H HB21 B AIB A 1 9  ? 0.85138  4.94288   -3.40046  0.293 4.97545  ? 9   AIB A HB21 1 
HETATM 207 H HB22 A AIB A 1 9  ? -0.59062 4.01350   -3.01099  0.707 6.54543  ? 9   AIB A HB22 1 
HETATM 208 H HB22 B AIB A 1 9  ? -0.55192 3.97326   -2.74129  0.293 4.97545  ? 9   AIB A HB22 1 
HETATM 209 H HB23 A AIB A 1 9  ? 0.96347  3.91638   -2.05219  0.707 6.54543  ? 9   AIB A HB23 1 
HETATM 210 H HB23 B AIB A 1 9  ? 1.08897  3.86666   -1.94127  0.293 4.97545  ? 9   AIB A HB23 1 
ATOM   211 N N    A LEU A 1 10 ? 3.30394  2.40957   -3.30786  0.826 3.65906  ? 10  LEU A N    1 
ATOM   212 N N    B LEU A 1 10 ? 3.30048  2.45364   -3.49587  0.174 3.93003  ? 10  LEU A N    1 
ATOM   213 C CA   A LEU A 1 10 ? 4.76493  2.51710   -3.41077  0.826 3.82982  ? 10  LEU A CA   1 
ATOM   214 C CA   B LEU A 1 10 ? 4.73415  2.64272   -3.71077  0.174 4.01633  ? 10  LEU A CA   1 
ATOM   215 C C    A LEU A 1 10 ? 5.41897  1.23826   -3.88449  0.826 4.65740  ? 10  LEU A C    1 
ATOM   216 C C    B LEU A 1 10 ? 5.39629  1.37679   -4.25464  0.174 4.07258  ? 10  LEU A C    1 
ATOM   217 O O    A LEU A 1 10 ? 6.61999  1.05770   -3.85133  0.826 6.10234  ? 10  LEU A O    1 
ATOM   218 O O    B LEU A 1 10 ? 6.60065  1.34513   -4.52400  0.174 3.50673  ? 10  LEU A O    1 
ATOM   219 C CB   A LEU A 1 10 ? 5.36743  2.88205   -2.05538  0.826 3.90974  ? 10  LEU A CB   1 
ATOM   220 C CB   B LEU A 1 10 ? 5.40269  3.05861   -2.39803  0.174 4.43700  ? 10  LEU A CB   1 
ATOM   221 C CG   A LEU A 1 10 ? 4.78732  4.14574   -1.42634  0.826 4.36372  ? 10  LEU A CG   1 
ATOM   222 C CG   B LEU A 1 10 ? 4.94185  4.40892   -1.84397  0.174 4.66487  ? 10  LEU A CG   1 
ATOM   223 C CD1  A LEU A 1 10 ? 5.47607  4.41923   -0.10049  0.826 5.31701  ? 10  LEU A CD1  1 
ATOM   224 C CD1  B LEU A 1 10 ? 5.56632  4.69391   -0.48821  0.174 4.67843  ? 10  LEU A CD1  1 
ATOM   225 C CD2  A LEU A 1 10 ? 4.90076  5.36205   -2.34826  0.826 5.52852  ? 10  LEU A CD2  1 
ATOM   226 C CD2  B LEU A 1 10 ? 5.27282  5.51032   -2.82569  0.174 5.00896  ? 10  LEU A CD2  1 
ATOM   227 H H    A LEU A 1 10 ? 3.04064  1.94233   -2.63557  0.707 4.41219  ? 10  LEU A H    1 
ATOM   228 H H    B LEU A 1 10 ? 3.11500  1.92603   -2.84255  0.293 4.73734  ? 10  LEU A H    1 
ATOM   229 H HA   A LEU A 1 10 ? 4.95418  3.21114   -4.06146  0.826 4.61710  ? 10  LEU A HA   1 
ATOM   230 H HA   B LEU A 1 10 ? 4.86526  3.34418   -4.36779  0.174 4.84091  ? 10  LEU A HA   1 
ATOM   231 H HB2  A LEU A 1 10 ? 5.21012  2.14870   -1.44029  0.826 4.71300  ? 10  LEU A HB2  1 
ATOM   232 H HB2  B LEU A 1 10 ? 5.20815  2.38538   -1.72734  0.174 5.34571  ? 10  LEU A HB2  1 
ATOM   233 H HB3  A LEU A 1 10 ? 6.32067  3.02119   -2.16888  0.826 4.71300  ? 10  LEU A HB3  1 
ATOM   234 H HB3  B LEU A 1 10 ? 6.35994  3.11386   -2.54471  0.174 5.34571  ? 10  LEU A HB3  1 
ATOM   235 H HG   A LEU A 1 10 ? 3.84008  4.00196   -1.27477  0.826 5.25777  ? 10  LEU A HG   1 
ATOM   236 H HG   B LEU A 1 10 ? 3.98044  4.38345   -1.71758  0.174 5.61915  ? 10  LEU A HG   1 
ATOM   237 H HD11 A LEU A 1 10 ? 5.29078  3.68733   0.50852   0.826 6.40173  ? 10  LEU A HD11 1 
ATOM   238 H HD11 B LEU A 1 10 ? 5.30404  5.58225   -0.20017  0.174 5.63543  ? 10  LEU A HD11 1 
ATOM   239 H HD12 A LEU A 1 10 ? 6.43176  4.49125   -0.25001  0.826 6.40173  ? 10  LEU A HD12 1 
ATOM   240 H HD12 B LEU A 1 10 ? 5.25257  4.03342   0.14913   0.174 5.63543  ? 10  LEU A HD12 1 
ATOM   241 H HD13 A LEU A 1 10 ? 5.13526  5.24970   0.26703   0.826 6.40173  ? 10  LEU A HD13 1 
ATOM   242 H HD13 B LEU A 1 10 ? 6.53170  4.64376   -0.56836  0.174 5.63543  ? 10  LEU A HD13 1 
ATOM   243 H HD21 A LEU A 1 10 ? 5.26953  5.07959   -3.19979  0.826 6.65554  ? 10  LEU A HD21 1 
ATOM   244 H HD21 B LEU A 1 10 ? 4.57269  5.55733   -3.49540  0.174 6.03206  ? 10  LEU A HD21 1 
ATOM   245 H HD22 A LEU A 1 10 ? 4.01803  5.74203   -2.47980  0.826 6.65554  ? 10  LEU A HD22 1 
ATOM   246 H HD22 B LEU A 1 10 ? 5.33055  6.35246   -2.34784  0.174 6.03206  ? 10  LEU A HD22 1 
ATOM   247 H HD23 A LEU A 1 10 ? 5.48492  6.01749   -1.93589  0.826 6.65554  ? 10  LEU A HD23 1 
ATOM   248 H HD23 B LEU A 1 10 ? 6.12259  5.31124   -3.24896  0.174 6.03206  ? 10  LEU A HD23 1 
HETATM 249 C C11  . I77 A 1 11 ? 6.30395  -3.51819  -4.97847  1.000 5.57565  ? 11  I77 A C11  1 
HETATM 250 C C12  . I77 A 1 11 ? 6.04336  -2.66302  -6.04763  1.000 4.82546  ? 11  I77 A C12  1 
HETATM 251 C C13  . I77 A 1 11 ? 5.61860  -1.23095  -5.85603  1.000 5.15208  ? 11  I77 A C13  1 
HETATM 252 C C17  . I77 A 1 11 ? 6.20111  -3.11823  -7.34719  1.000 4.92915  ? 11  I77 A C17  1 
HETATM 253 C C18  . I77 A 1 11 ? 6.61390  -4.40834  -7.54737  1.000 4.63541  ? 11  I77 A C18  1 
HETATM 254 C C02  . I77 A 1 11 ? 8.63633  -10.61657 -7.16819  1.000 4.01604  ? 11  I77 A C02  1 
HETATM 255 C C03  . I77 A 1 11 ? 8.19173  -9.17297  -7.02044  1.000 3.99962  ? 11  I77 A C03  1 
HETATM 256 C C04  . I77 A 1 11 ? 8.01071  -8.70314  -5.73777  1.000 4.36793  ? 11  I77 A C04  1 
HETATM 257 C C05  . I77 A 1 11 ? 7.57358  -7.42322  -5.55216  1.000 4.41817  ? 11  I77 A C05  1 
HETATM 258 C C06  . I77 A 1 11 ? 7.91172  -8.33441  -8.10118  1.000 4.51983  ? 11  I77 A C06  1 
HETATM 259 C C08  . I77 A 1 11 ? 7.31703  -6.63571  -6.65936  1.000 4.05214  ? 11  I77 A C08  1 
HETATM 260 C C09  . I77 A 1 11 ? 6.85204  -5.21766  -6.44558  1.000 4.23464  ? 11  I77 A C09  1 
HETATM 261 N N01  . I77 A 1 11 ? 8.73740  -11.11735 -8.47932  1.000 4.82778  ? 11  I77 A N01  1 
HETATM 262 N N07  . I77 A 1 11 ? 7.49183  -7.08753  -7.89280  1.000 4.55501  ? 11  I77 A N07  1 
HETATM 263 N N10  . I77 A 1 11 ? 6.69552  -4.76161  -5.20636  1.000 5.36591  ? 11  I77 A N10  1 
HETATM 264 N N14  . I77 A 1 11 ? 4.98194  -0.99906  -4.61661  1.000 4.84852  ? 11  I77 A N14  1 
HETATM 265 N N15  . I77 A 1 11 ? 4.51365  0.25783   -4.33754  1.000 4.64232  ? 11  I77 A N15  1 
HETATM 266 O O16  . I77 A 1 11 ? 5.83364  -0.34892  -6.63461  1.000 6.50872  ? 11  I77 A O16  1 
HETATM 267 O O19  . I77 A 1 11 ? 8.83690  -11.30989 -6.21473  1.000 4.94397  ? 11  I77 A O19  1 
HETATM 268 H H111 . I77 A 1 11 ? 6.18649  -3.16664  -3.96514  1.000 6.71209  ? 11  I77 A H111 1 
HETATM 269 H H171 . I77 A 1 11 ? 6.00039  -2.46168  -8.19380  1.000 5.93629  ? 11  I77 A H171 1 
HETATM 270 H H181 . I77 A 1 11 ? 6.75316  -4.79333  -8.55541  1.000 5.58381  ? 11  I77 A H181 1 
HETATM 271 H H041 . I77 A 1 11 ? 8.21121  -9.33657  -4.89394  1.000 5.26283  ? 11  I77 A H041 1 
HETATM 272 H H051 . I77 A 1 11 ? 7.42988  -7.03055  -4.55315  1.000 5.32312  ? 11  I77 A H051 1 
HETATM 273 H H061 . I77 A 1 11 ? 8.03621  -8.69863  -9.11134  1.000 5.44511  ? 11  I77 A H061 1 
HETATM 274 H H011 . I77 A 1 11 ? 8.55451  -10.53217 -9.26682  1.000 5.81464  ? 11  I77 A H011 1 
HETATM 275 H H012 . I77 A 1 11 ? 9.02154  -12.07086 -8.62373  1.000 5.81464  ? 11  I77 A H012 1 
HETATM 276 H H141 . I77 A 1 11 ? 4.87402  -1.74441  -3.94964  1.000 5.83953  ? 11  I77 A H141 1 
HETATM 277 N N    . CCN B 2 .  ? -3.58694 1.74673   -4.52143  1.000 8.74694  ? 201 CCN A N    1 
HETATM 278 C C1   . CCN B 2 .  ? -3.63545 2.16153   -3.47123  1.000 7.37259  ? 201 CCN A C1   1 
HETATM 279 C C2   . CCN B 2 .  ? -3.72017 2.71496   -2.06760  1.000 6.68159  ? 201 CCN A C2   1 
HETATM 280 H H21  . CCN B 2 .  ? -2.72096 2.87212   -1.68062  1.000 8.03922  ? 201 CCN A H21  1 
HETATM 281 H H22  . CCN B 2 .  ? -4.25382 3.65723   -2.08270  1.000 8.03922  ? 201 CCN A H22  1 
HETATM 282 H H23  . CCN B 2 .  ? -4.24645 2.01212   -1.43361  1.000 8.03922  ? 201 CCN A H23  1 
HETATM 283 N N    . CCN C 2 .  ? 2.54030  -3.63419  -0.58910  1.000 31.34860 ? 202 CCN A N    1 
HETATM 284 C C1   . CCN C 2 .  ? 1.67848  -4.33026  -0.83044  1.000 31.29753 ? 202 CCN A C1   1 
HETATM 285 C C2   . CCN C 2 .  ? 0.50828  -5.26239  -1.14056  1.000 31.26330 ? 202 CCN A C2   1 
HETATM 286 H H21  . CCN C 2 .  ? 0.73403  -5.84267  -2.02667  1.000 37.53727 ? 202 CCN A H21  1 
HETATM 287 H H22  . CCN C 2 .  ? 0.34685  -5.93001  -0.30324  1.000 37.53727 ? 202 CCN A H22  1 
HETATM 288 H H23  . CCN C 2 .  ? -0.38546 -4.67514  -1.31160  1.000 37.53727 ? 202 CCN A H23  1 
HETATM 289 O O    . HOH D 3 .  ? 3.43116  -3.15459  -3.27690  1.000 16.73735 ? 301 HOH A O    1 
HETATM 290 O O    . HOH D 3 .  ? -0.92170 -8.20187  0.93292   1.000 22.58343 ? 302 HOH A O    1 
HETATM 291 O O    . HOH D 3 .  ? 4.90489  -1.88309  -1.02250  1.000 24.04970 ? 303 HOH A O    1 
HETATM 292 O O    . HOH D 3 .  ? 7.27238  -10.52754 -11.07857 1.000 20.43143 ? 304 HOH A O    1 
HETATM 293 O O    . HOH D 3 .  ? 1.79131  -4.81244  -3.76183  1.000 24.98025 ? 305 HOH A O    1 
# 
loop_
_atom_site_anisotrop.id 
_atom_site_anisotrop.type_symbol 
_atom_site_anisotrop.pdbx_label_atom_id 
_atom_site_anisotrop.pdbx_label_alt_id 
_atom_site_anisotrop.pdbx_label_comp_id 
_atom_site_anisotrop.pdbx_label_asym_id 
_atom_site_anisotrop.pdbx_label_seq_id 
_atom_site_anisotrop.pdbx_PDB_ins_code 
_atom_site_anisotrop.U[1][1] 
_atom_site_anisotrop.U[2][2] 
_atom_site_anisotrop.U[3][3] 
_atom_site_anisotrop.U[1][2] 
_atom_site_anisotrop.U[1][3] 
_atom_site_anisotrop.U[2][3] 
_atom_site_anisotrop.pdbx_auth_seq_id 
_atom_site_anisotrop.pdbx_auth_comp_id 
_atom_site_anisotrop.pdbx_auth_asym_id 
_atom_site_anisotrop.pdbx_auth_atom_id 
1   C C05 . I6W A 1  ? 0.07461 0.06781 0.15213 -0.01058 -0.02475 0.00558  1   I6W A C05 
2   C C08 . I6W A 1  ? 0.06774 0.06987 0.16084 -0.01640 -0.02350 0.02193  1   I6W A C08 
3   C C09 . I6W A 1  ? 0.07415 0.07285 0.17180 -0.01486 -0.01723 0.02476  1   I6W A C09 
4   N N10 . I6W A 1  ? 0.08119 0.08113 0.18504 -0.01241 -0.00476 0.02317  1   I6W A N10 
5   C C02 . I6W A 1  ? 0.06234 0.05854 0.08538 -0.00633 -0.01593 0.00372  1   I6W A C02 
6   C C03 . I6W A 1  ? 0.06781 0.05893 0.12099 -0.01272 -0.02171 0.01394  1   I6W A C03 
7   C C04 . I6W A 1  ? 0.06970 0.06356 0.13830 -0.00976 -0.02153 0.00448  1   I6W A C04 
8   C C06 . I6W A 1  ? 0.06736 0.06755 0.13958 -0.01473 -0.02528 0.02329  1   I6W A C06 
9   C C11 . I6W A 1  ? 0.08278 0.08169 0.18399 -0.01240 -0.00085 0.02912  1   I6W A C11 
10  C C12 . I6W A 1  ? 0.09773 0.08668 0.18051 -0.00411 -0.00605 0.02781  1   I6W A C12 
11  C C13 . I6W A 1  ? 0.12922 0.08775 0.19014 0.00034  -0.00055 0.03077  1   I6W A C13 
12  C C15 . I6W A 1  ? 0.13630 0.09407 0.21726 -0.00932 0.03287  0.02225  1   I6W A C15 
13  C C16 . I6W A 1  ? 0.15870 0.10138 0.22817 -0.01280 0.04054  0.01291  1   I6W A C16 
14  C C18 . I6W A 1  ? 0.10028 0.08343 0.16962 -0.00216 -0.01454 0.03003  1   I6W A C18 
15  C C19 . I6W A 1  ? 0.08866 0.07971 0.16592 -0.00769 -0.02224 0.02579  1   I6W A C19 
16  N N07 . I6W A 1  ? 0.07500 0.07509 0.15573 -0.01080 -0.02212 0.02647  1   I6W A N07 
17  O O01 . I6W A 1  ? 0.07653 0.06458 0.06580 0.00434  -0.01350 -0.00391 1   I6W A O01 
18  O O14 . I6W A 1  ? 0.12683 0.08704 0.20065 -0.00791 0.02414  0.03217  1   I6W A O14 
19  O O17 . I6W A 1  ? 0.16454 0.09832 0.19516 0.01618  -0.01202 0.02695  1   I6W A O17 
31  N N   . LEU A 2  ? 0.06460 0.06019 0.06774 -0.00558 -0.00365 0.01004  2   LEU A N   
32  C CA  . LEU A 2  ? 0.06393 0.06162 0.03842 -0.00689 -0.00097 0.00507  2   LEU A CA  
33  C C   . LEU A 2  ? 0.06331 0.06304 0.02501 -0.00276 -0.00161 0.00095  2   LEU A C   
34  O O   . LEU A 2  ? 0.06817 0.06688 0.02217 0.00150  -0.00111 0.00441  2   LEU A O   
35  C CB  . LEU A 2  ? 0.07528 0.06623 0.04507 -0.01061 0.01194  -0.00018 2   LEU A CB  
36  C CG  . LEU A 2  ? 0.07973 0.06561 0.06531 -0.00514 0.02514  -0.00313 2   LEU A CG  
37  C CD1 . LEU A 2  ? 0.08330 0.07149 0.08293 0.01263  0.01458  0.00372  2   LEU A CD1 
38  C CD2 . LEU A 2  ? 0.10391 0.07731 0.07817 0.00228  0.03480  -0.01035 2   LEU A CD2 
49  N N   . AIB A 3  ? 0.06658 0.06394 0.02238 -0.00693 -0.00417 0.00468  3   AIB A N   
50  C CA  . AIB A 3  ? 0.07051 0.06462 0.02673 -0.00923 -0.00681 0.00445  3   AIB A CA  
51  C C   . AIB A 3  ? 0.05704 0.06386 0.02989 -0.00550 -0.00306 0.01005  3   AIB A C   
52  O O   . AIB A 3  ? 0.07216 0.06414 0.02937 -0.00934 -0.00208 0.00711  3   AIB A O   
53  C CB1 . AIB A 3  ? 0.08253 0.06595 0.03004 -0.01041 -0.00428 0.00000  3   AIB A CB1 
54  C CB2 . AIB A 3  ? 0.07180 0.07098 0.03812 -0.01504 -0.01023 0.00777  3   AIB A CB2 
62  N N   . SER A 4  ? 0.06493 0.05998 0.02965 0.00090  0.00078  0.00945  4   SER A N   
63  C CA  . SER A 4  ? 0.06417 0.06259 0.03949 0.00661  0.00048  0.00266  4   SER A CA  
64  C C   . SER A 4  ? 0.07047 0.05668 0.03009 0.00131  -0.00261 0.00199  4   SER A C   
65  O O   . SER A 4  ? 0.07600 0.06928 0.03320 0.00005  0.00592  0.00220  4   SER A O   
66  C CB  . SER A 4  ? 0.07961 0.06635 0.05287 0.01574  0.00432  0.00202  4   SER A CB  
67  O OG  . SER A 4  ? 0.09562 0.06352 0.06849 0.00777  0.00260  -0.00451 4   SER A OG  
73  N N   A PHI A 5  ? 0.08962 0.05832 0.04511 -0.00383 -0.00202 -0.00401 5   PHI A N   
74  N N   B PHI A 5  ? 0.05737 0.05003 0.02003 -0.00054 -0.00195 0.00332  5   PHI A N   
75  C CA  A PHI A 5  ? 0.11450 0.06212 0.05872 -0.00955 -0.00346 -0.00929 5   PHI A CA  
76  C CA  B PHI A 5  ? 0.05260 0.05183 0.01920 -0.00322 -0.00623 0.00141  5   PHI A CA  
77  C CB  A PHI A 5  ? 0.17400 0.07178 0.10284 -0.01799 -0.00934 -0.01741 5   PHI A CB  
78  C CB  B PHI A 5  ? 0.05153 0.05413 0.04054 -0.01007 -0.00879 0.00718  5   PHI A CB  
79  C CG  A PHI A 5  ? 0.23724 0.07816 0.13864 -0.02704 -0.01838 -0.02388 5   PHI A CG  
80  C CG  B PHI A 5  ? 0.06946 0.06266 0.04725 -0.01980 -0.01217 0.00619  5   PHI A CG  
81  C CD1 A PHI A 5  ? 0.26500 0.08293 0.15012 -0.02969 -0.02225 -0.02533 5   PHI A CD1 
82  C CD1 B PHI A 5  ? 0.09299 0.06740 0.05145 -0.03095 -0.00962 0.01135  5   PHI A CD1 
83  C CD2 A PHI A 5  ? 0.26837 0.08295 0.15454 -0.02937 -0.02168 -0.02530 5   PHI A CD2 
84  C CD2 B PHI A 5  ? 0.09353 0.06147 0.05546 -0.02140 -0.02518 0.00459  5   PHI A CD2 
85  C CE1 A PHI A 5  ? 0.28750 0.08636 0.15380 -0.03129 -0.02533 -0.02087 5   PHI A CE1 
86  C CE1 B PHI A 5  ? 0.12050 0.06983 0.05962 -0.03895 -0.02477 0.01684  5   PHI A CE1 
87  C CE2 A PHI A 5  ? 0.28785 0.08801 0.15673 -0.03106 -0.02619 -0.02358 5   PHI A CE2 
88  C CE2 B PHI A 5  ? 0.13015 0.06460 0.06613 -0.02917 -0.02642 0.01129  5   PHI A CE2 
89  C CZ  A PHI A 5  ? 0.30120 0.08941 0.14422 -0.03333 -0.03263 -0.01513 5   PHI A CZ  
90  C CZ  B PHI A 5  ? 0.15243 0.06809 0.06628 -0.04663 -0.03979 0.01648  5   PHI A CZ  
91  I I   A PHI A 5  ? 0.32675 0.09332 0.11162 -0.03576 -0.04905 0.00103  5   PHI A I   
92  I I   B PHI A 5  ? 0.22375 0.08573 0.08975 -0.05601 -0.05435 0.02006  5   PHI A I   
93  C C   A PHI A 5  ? 0.08260 0.06025 0.03211 -0.00540 -0.00102 -0.00759 5   PHI A C   
94  C C   B PHI A 5  ? 0.04876 0.05253 0.01455 -0.00549 -0.00084 -0.00367 5   PHI A C   
95  O O   A PHI A 5  ? 0.07433 0.06541 0.02412 -0.00190 0.00332  -0.00309 5   PHI A O   
96  O O   B PHI A 5  ? 0.05040 0.05743 0.01660 -0.00096 0.00351  -0.00247 5   PHI A O   
113 N N   . LEU A 6  ? 0.06910 0.05125 0.01963 -0.00274 -0.00674 -0.00331 6   LEU A N   
114 C CA  . LEU A 6  ? 0.06574 0.05125 0.03634 -0.00119 -0.00652 -0.00026 6   LEU A CA  
115 C C   . LEU A 6  ? 0.06880 0.05638 0.03404 -0.00550 -0.00616 0.00480  6   LEU A C   
116 O O   . LEU A 6  ? 0.07673 0.06262 0.05231 -0.00515 -0.00540 0.01595  6   LEU A O   
117 C CB  . LEU A 6  ? 0.06934 0.05270 0.04318 -0.00025 -0.00819 -0.00760 6   LEU A CB  
118 C CG  . LEU A 6  ? 0.07232 0.06729 0.06211 0.00088  -0.00364 -0.02195 6   LEU A CG  
119 C CD1 . LEU A 6  ? 0.08508 0.07249 0.06710 0.00581  0.00411  -0.02571 6   LEU A CD1 
120 C CD2 . LEU A 6  ? 0.07156 0.09018 0.07887 0.01379  -0.01310 -0.02672 6   LEU A CD2 
133 N N   A MET A 7  ? 0.06883 0.05573 0.02697 -0.00797 -0.00246 0.00540  7   MET A N   
134 N N   B MET A 7  ? 0.06728 0.06218 0.04137 -0.00603 -0.00382 0.00238  7   MET A N   
135 C CA  A MET A 7  ? 0.06376 0.06329 0.03522 -0.00971 -0.00250 0.00457  7   MET A CA  
136 C CA  B MET A 7  ? 0.06799 0.06955 0.05276 -0.00537 -0.00337 -0.00044 7   MET A CA  
137 C C   A MET A 7  ? 0.05434 0.06186 0.03598 -0.00795 -0.00430 0.00427  7   MET A C   
138 C C   B MET A 7  ? 0.05682 0.06417 0.04361 -0.00624 -0.00159 0.00193  7   MET A C   
139 O O   A MET A 7  ? 0.05301 0.06853 0.03731 -0.00435 -0.00639 0.00745  7   MET A O   
140 O O   B MET A 7  ? 0.05551 0.06563 0.04336 -0.00540 0.00084  0.00374  7   MET A O   
141 C CB  A MET A 7  ? 0.06687 0.08001 0.03196 -0.01328 -0.01133 -0.00001 7   MET A CB  
142 C CB  B MET A 7  ? 0.08274 0.08462 0.07212 -0.00206 -0.00562 -0.00635 7   MET A CB  
143 C CG  A MET A 7  ? 0.08466 0.10366 0.03494 -0.01710 -0.00602 -0.00464 7   MET A CG  
144 C CG  B MET A 7  ? 0.10359 0.09964 0.09205 0.00175  -0.00779 -0.01281 7   MET A CG  
145 S SD  A MET A 7  ? 0.10956 0.14244 0.04243 -0.00168 -0.01594 -0.00692 7   MET A SD  
146 S SD  B MET A 7  ? 0.12869 0.11436 0.11101 0.00680  -0.00990 -0.01838 7   MET A SD  
147 C CE  A MET A 7  ? 0.10791 0.13509 0.04584 -0.02117 -0.00282 -0.00919 7   MET A CE  
148 C CE  B MET A 7  ? 0.13176 0.11643 0.11480 0.00812  -0.00919 -0.01942 7   MET A CE  
167 N N   . GLN A 8  ? 0.05426 0.05951 0.03604 -0.00747 -0.00102 0.00102  8   GLN A N   
168 C CA  . GLN A 8  ? 0.04696 0.05267 0.03360 -0.00367 -0.00050 0.00157  8   GLN A CA  
169 C C   . GLN A 8  ? 0.04738 0.04880 0.03489 -0.00498 -0.00266 0.00206  8   GLN A C   
170 O O   . GLN A 8  ? 0.05353 0.05538 0.03413 -0.00780 0.00039  -0.00214 8   GLN A O   
171 C CB  . GLN A 8  ? 0.05200 0.04720 0.03329 -0.00395 0.00044  -0.00185 8   GLN A CB  
172 C CG  . GLN A 8  ? 0.05120 0.05156 0.03224 -0.00342 0.00178  -0.00436 8   GLN A CG  
173 C CD  . GLN A 8  ? 0.04770 0.05852 0.02034 -0.00197 0.00156  -0.00060 8   GLN A CD  
174 O OE1 . GLN A 8  ? 0.05956 0.05678 0.02710 -0.00232 0.00461  -0.00383 8   GLN A OE1 
175 N NE2 . GLN A 8  ? 0.05436 0.07127 0.02689 -0.00721 0.00284  -0.00967 8   GLN A NE2 
185 N N   A AIB A 9  ? 0.04485 0.05120 0.05387 0.00007  -0.00517 -0.00091 9   AIB A N   
186 N N   B AIB A 9  ? 0.04291 0.04796 0.04620 -0.00258 -0.00042 0.00044  9   AIB A N   
187 C CA  A AIB A 9  ? 0.05415 0.05055 0.06644 0.00043  -0.00708 0.00586  9   AIB A CA  
188 C CA  B AIB A 9  ? 0.04073 0.04885 0.05351 0.00124  0.00252  0.00396  9   AIB A CA  
189 C C   A AIB A 9  ? 0.04926 0.04881 0.05640 -0.00523 -0.00706 0.00405  9   AIB A C   
190 C C   B AIB A 9  ? 0.04500 0.04858 0.05144 -0.00116 -0.00009 0.00057  9   AIB A C   
191 O O   A AIB A 9  ? 0.06305 0.05911 0.06413 -0.00559 -0.01010 0.01250  9   AIB A O   
192 O O   B AIB A 9  ? 0.04191 0.05265 0.05260 -0.00118 -0.00003 0.00636  9   AIB A O   
193 C CB1 A AIB A 9  ? 0.06416 0.06322 0.07566 -0.00018 -0.01248 0.00916  9   AIB A CB1 
194 C CB1 B AIB A 9  ? 0.03752 0.05457 0.05438 -0.00012 0.00330  0.01051  9   AIB A CB1 
195 C CB2 A AIB A 9  ? 0.07331 0.05095 0.08231 0.00409  -0.00374 -0.00358 9   AIB A CB2 
196 C CB2 B AIB A 9  ? 0.05102 0.04557 0.06027 0.00217  0.00976  0.00328  9   AIB A CB2 
211 N N   A LEU A 10 ? 0.04520 0.04765 0.04618 -0.00411 -0.00268 -0.00019 10  LEU A N   
212 N N   B LEU A 10 ? 0.04687 0.04819 0.05426 -0.00254 0.00375  -0.00408 10  LEU A N   
213 C CA  A LEU A 10 ? 0.04409 0.04977 0.05167 -0.00596 0.00016  -0.00347 10  LEU A CA  
214 C CA  B LEU A 10 ? 0.04547 0.05265 0.05448 0.00007  -0.00004 -0.01034 10  LEU A CA  
215 C C   A LEU A 10 ? 0.04946 0.05629 0.07120 -0.00441 -0.00181 -0.01817 10  LEU A C   
216 C C   B LEU A 10 ? 0.04492 0.05335 0.05647 0.00037  -0.00528 -0.01302 10  LEU A C   
217 O O   A LEU A 10 ? 0.05148 0.07512 0.10527 0.00061  -0.01308 -0.03434 10  LEU A O   
218 O O   B LEU A 10 ? 0.03262 0.05153 0.04909 0.00074  -0.00840 -0.00852 10  LEU A O   
219 C CB  A LEU A 10 ? 0.04908 0.05635 0.04312 -0.00405 -0.00253 -0.00264 10  LEU A CB  
220 C CB  B LEU A 10 ? 0.05480 0.05694 0.05684 0.00280  0.00522  -0.01146 10  LEU A CB  
221 C CG  A LEU A 10 ? 0.05736 0.06200 0.04644 -0.01100 0.00573  -0.00952 10  LEU A CG  
222 C CG  B LEU A 10 ? 0.06355 0.05714 0.05655 0.00353  0.00598  -0.01056 10  LEU A CG  
223 C CD1 A LEU A 10 ? 0.06546 0.08328 0.05328 0.00008  -0.00110 -0.01747 10  LEU A CD1 
224 C CD1 B LEU A 10 ? 0.06539 0.05675 0.05562 0.00345  0.00598  -0.00733 10  LEU A CD1 
225 C CD2 A LEU A 10 ? 0.08833 0.05817 0.06355 -0.01516 0.01588  -0.01321 10  LEU A CD2 
226 C CD2 B LEU A 10 ? 0.07630 0.05524 0.05878 0.00119  0.00995  -0.01153 10  LEU A CD2 
249 C C11 . I77 A 11 ? 0.08385 0.06347 0.06453 0.00827  0.00869  -0.00512 11  I77 A C11 
250 C C12 . I77 A 11 ? 0.06060 0.05606 0.06669 0.00245  0.01247  -0.00605 11  I77 A C12 
251 C C13 . I77 A 11 ? 0.06556 0.05670 0.07350 0.00253  0.01898  -0.00591 11  I77 A C13 
252 C C17 . I77 A 11 ? 0.05837 0.05689 0.07202 0.00036  0.00451  -0.00649 11  I77 A C17 
253 C C18 . I77 A 11 ? 0.05934 0.05573 0.06105 0.00136  0.00222  -0.00419 11  I77 A C18 
254 C C02 . I77 A 11 ? 0.06248 0.05297 0.03714 0.00174  0.00369  -0.00272 11  I77 A C02 
255 C C03 . I77 A 11 ? 0.05674 0.05011 0.04511 -0.00224 0.00186  0.00305  11  I77 A C03 
256 C C04 . I77 A 11 ? 0.06270 0.05472 0.04854 -0.00140 0.00434  0.00009  11  I77 A C04 
257 C C05 . I77 A 11 ? 0.06625 0.06012 0.04150 0.00239  0.00352  -0.00266 11  I77 A C05 
258 C C06 . I77 A 11 ? 0.07171 0.05482 0.04519 -0.00008 -0.00391 0.00118  11  I77 A C06 
259 C C08 . I77 A 11 ? 0.05385 0.05321 0.04691 -0.00200 0.00470  0.00020  11  I77 A C08 
260 C C09 . I77 A 11 ? 0.05416 0.05517 0.05156 -0.00169 0.00556  -0.00304 11  I77 A C09 
261 N N01 . I77 A 11 ? 0.08557 0.05756 0.04032 0.01116  0.00177  -0.00246 11  I77 A N01 
262 N N07 . I77 A 11 ? 0.06869 0.05561 0.04877 0.00068  -0.00065 0.00217  11  I77 A N07 
263 N N10 . I77 A 11 ? 0.08079 0.06222 0.06086 0.00740  0.00810  -0.00356 11  I77 A N10 
264 N N14 . I77 A 11 ? 0.06284 0.05444 0.06694 -0.00092 0.00731  -0.00782 11  I77 A N14 
265 N N15 . I77 A 11 ? 0.05555 0.05214 0.06870 -0.00378 0.00070  -0.01280 11  I77 A N15 
266 O O16 . I77 A 11 ? 0.09387 0.06299 0.09043 0.00775  0.02960  0.00039  11  I77 A O16 
267 O O19 . I77 A 11 ? 0.09205 0.05413 0.04167 0.01094  0.00532  0.00207  11  I77 A O19 
277 N N   . CCN B .  ? 0.11827 0.12410 0.08998 0.04627  0.02285  0.01680  201 CCN A N   
278 C C1  . CCN B .  ? 0.08951 0.10731 0.08331 0.03505  0.01099  0.02848  201 CCN A C1  
279 C C2  . CCN B .  ? 0.07948 0.09460 0.07979 0.01634  -0.00427 0.02943  201 CCN A C2  
283 N N   . CCN C .  ? 0.36442 0.41283 0.41385 0.04696  0.03347  -0.01504 202 CCN A N   
284 C C1  . CCN C .  ? 0.36310 0.41336 0.41270 0.04706  0.03143  -0.01588 202 CCN A C1  
285 C C2  . CCN C .  ? 0.36208 0.41380 0.41199 0.04720  0.02990  -0.01645 202 CCN A C2  
289 O O   . HOH D .  ? 0.16862 0.18327 0.28405 0.03682  0.06406  0.00249  301 HOH A O   
290 O O   . HOH D .  ? 0.25916 0.31700 0.28189 0.04499  0.04533  -0.12089 302 HOH A O   
291 O O   . HOH D .  ? 0.30491 0.33920 0.26967 0.11216  0.00537  0.03030  303 HOH A O   
292 O O   . HOH D .  ? 0.21927 0.32273 0.23430 0.05566  -0.02399 0.01820  304 HOH A O   
293 O O   . HOH D .  ? 0.32083 0.34580 0.28251 -0.02335 -0.03402 -0.04214 305 HOH A O   
# 
